data_7XMC
#
_entry.id   7XMC
#
_cell.length_a   1.00
_cell.length_b   1.00
_cell.length_c   1.00
_cell.angle_alpha   90.00
_cell.angle_beta   90.00
_cell.angle_gamma   90.00
#
_symmetry.space_group_name_H-M   'P 1'
#
loop_
_entity.id
_entity.type
_entity.pdbx_description
1 polymer 'Cytochrome bo(3) ubiquinol oxidase subunit 1'
2 polymer 'Ubiquinol oxidase subunit 2'
3 polymer 'Cytochrome bo(3) ubiquinol oxidase subunit 3'
4 polymer 'Cytochrome bo(3) ubiquinol oxidase subunit 4'
5 non-polymer 'HEME O'
6 non-polymer 'PROTOPORPHYRIN IX CONTAINING FE'
7 non-polymer 'COPPER (II) ION'
8 non-polymer 1,2-dioleoyl-sn-glycero-3-phosphoethanolamine
9 non-polymer 'UNKNOWN ATOM OR ION'
#
loop_
_entity_poly.entity_id
_entity_poly.type
_entity_poly.pdbx_seq_one_letter_code
_entity_poly.pdbx_strand_id
1 'polypeptide(L)'
;MFGKLSLDAVPFHEPIVMVTIAGIILGGLALVGLITYFGKWTYLWKEWLTSVDHKRLGIMYIIVAIVMLLRGFADAIMMR
SQQALASAGEAGFLPPHHYDQIFTAHGVIMIFFVAMPFVIGLMNLVVPLQIGARDVAFPFLNNLSFWFTVVGVILVNVSL
GVGEFAQTGWLAYPPLSGIEYSPGVGVDYWIWSLQLSGIGTTLTGINFFVTILKMRAPGMTMFKMPVFTWASLCANVLII
ASFPILTVTVALLTLDRYLGTHFFTNDMGGNMMMYINLIWAWGHPEVYILILPVFGVFSEIAATFSRKRLFGYTSLVWAT
VCITVLSFIVWLHHFFTMGAGANVNAFFGITTMIIAIPTGVKIFNWLFTMYQGRIVFHSAMLWTIGFIVTFSVGGMTGVL
LAVPGADFVLHNSLFLIAHFHNVIIGGVVFGCFAGMTYWWPKAFGFKLNETWGKRAFWFWIIGFFVAFMPLYALGFMGMT
RRLSQQIDPQFHTMLMIAASGAVLIALGILCLVIQMYVSIRDRDQNRDLTGDPWGGRTLEWATSSPPPFYNFAVVPHVHE
RDAFWEMKEKGEAYKKPDHYEEIHMPKNSGAGIVIAAFSTIFGFAMIWHIWWLAIVGFAGMIITWIVKSFDEDVDYYVPV
AEIEKLENQHFDEITKAGLKNGN
;
A
2 'polypeptide(L)'
;MRLRKYNKSLGWLSLFAGTVLLSGCNSALLDPKGQIGLEQRSLILTAFGLMLIVVIPAILMAVGFAWKYRASNKDAKYSP
NWSHSNKVEAVVWTVPILIIIFLAVLTWKTTHALEPSKPLAHDEKPITIEVVSMDWKWFFIYPEQGIATVNEIAFPANTP
VYFKVTSNSVMNSFFIPRLGSQIYAMAGMQTRLHLIANEPGTYDGISASYSGPGFSGMKFKAIATPDRAAFDQWVAKAKQ
SPNTMSDMAAFEKLAAPSEYNQVEYFSNVKPDLFADVINKFMAHGKSMDMTQPEGEHSAHEGMEGMDMSHAESAHHHHHH
HHHR
;
B
3 'polypeptide(L)'
;MATDTLTHATAHAHEHGHHDAGGTKIFGFWIYLMSDCILFSILFATYAVLVNGTAGGPTGKDIFELPFVLVETFLLLFSS
ITYGMAAIAMYKNNKSQVISWLALTWLFGAGFIGMEIYEFHHLIVNGMGPDRSGFLSAFFALVGTHGLHVTSGLIWMAVL
MVQIARRGLTSTNRTRIMCLSLFWHFLDVVWICVFTVVYLMGAM
;
C
4 'polypeptide(L)'
;MSHSTDHSGASHGSVKTYMTGFILSIILTVIPFWMVMTGAASPAVILGTILAMAVVQVLVHLVCFLHMNTKSDEGWNMTA
FVFTVLIIAILVVGSIWIMWNLNYNMMMH
;
D
#
# COMPACT_ATOMS: atom_id res chain seq x y z
N LYS A 4 -17.63 32.53 1.90
CA LYS A 4 -16.72 32.13 0.84
C LYS A 4 -16.76 30.63 0.60
N LEU A 5 -17.66 30.18 -0.27
CA LEU A 5 -17.69 28.77 -0.64
C LEU A 5 -16.51 28.36 -1.51
N SER A 6 -15.73 29.34 -2.00
CA SER A 6 -14.49 29.12 -2.76
C SER A 6 -14.78 28.21 -3.96
N LEU A 7 -13.99 27.16 -4.18
CA LEU A 7 -13.99 26.43 -5.44
C LEU A 7 -15.19 25.48 -5.60
N ASP A 8 -16.01 25.31 -4.56
CA ASP A 8 -17.09 24.32 -4.63
C ASP A 8 -18.08 24.66 -5.73
N ALA A 9 -18.69 25.84 -5.65
CA ALA A 9 -19.67 26.33 -6.60
C ALA A 9 -20.79 25.34 -6.95
N VAL A 10 -21.63 25.73 -7.90
CA VAL A 10 -22.84 24.97 -8.25
C VAL A 10 -22.59 23.68 -9.05
N PRO A 11 -21.60 23.60 -9.96
CA PRO A 11 -21.56 22.42 -10.84
C PRO A 11 -21.06 21.18 -10.12
N PHE A 12 -21.97 20.24 -9.81
CA PHE A 12 -21.55 18.98 -9.22
C PHE A 12 -21.47 17.88 -10.26
N HIS A 13 -22.61 17.45 -10.81
CA HIS A 13 -22.61 16.51 -11.93
C HIS A 13 -23.87 16.61 -12.76
N GLU A 14 -24.52 17.77 -12.78
CA GLU A 14 -25.88 17.85 -13.31
C GLU A 14 -26.02 17.38 -14.77
N PRO A 15 -25.16 17.77 -15.72
CA PRO A 15 -25.38 17.37 -17.12
C PRO A 15 -25.16 15.89 -17.41
N ILE A 16 -24.98 15.04 -16.40
CA ILE A 16 -24.66 13.64 -16.62
C ILE A 16 -25.61 12.77 -15.80
N VAL A 17 -25.54 11.46 -16.05
CA VAL A 17 -26.48 10.50 -15.50
C VAL A 17 -25.87 9.82 -14.29
N MET A 18 -24.90 10.50 -13.66
CA MET A 18 -24.46 10.14 -12.32
C MET A 18 -25.33 10.79 -11.25
N VAL A 19 -26.21 11.70 -11.65
CA VAL A 19 -27.19 12.26 -10.73
C VAL A 19 -28.25 11.24 -10.38
N THR A 20 -28.49 10.25 -11.25
CA THR A 20 -29.37 9.15 -10.85
C THR A 20 -28.74 8.31 -9.75
N ILE A 21 -27.43 8.04 -9.86
CA ILE A 21 -26.73 7.33 -8.79
C ILE A 21 -26.74 8.15 -7.51
N ALA A 22 -26.51 9.46 -7.63
CA ALA A 22 -26.52 10.32 -6.45
C ALA A 22 -27.90 10.35 -5.80
N GLY A 23 -28.96 10.41 -6.60
CA GLY A 23 -30.31 10.38 -6.04
C GLY A 23 -30.64 9.05 -5.40
N ILE A 24 -30.17 7.95 -6.00
CA ILE A 24 -30.36 6.64 -5.37
C ILE A 24 -29.66 6.57 -4.03
N ILE A 25 -28.43 7.09 -3.97
CA ILE A 25 -27.69 7.09 -2.70
C ILE A 25 -28.42 7.95 -1.66
N LEU A 26 -28.91 9.12 -2.07
CA LEU A 26 -29.64 9.97 -1.15
C LEU A 26 -30.93 9.30 -0.66
N GLY A 27 -31.65 8.64 -1.55
CA GLY A 27 -32.85 7.93 -1.15
C GLY A 27 -32.57 6.80 -0.19
N GLY A 28 -31.51 6.04 -0.46
CA GLY A 28 -31.11 4.98 0.47
C GLY A 28 -30.70 5.51 1.81
N LEU A 29 -29.97 6.64 1.82
CA LEU A 29 -29.58 7.26 3.08
C LEU A 29 -30.80 7.73 3.85
N ALA A 30 -31.79 8.31 3.16
CA ALA A 30 -33.02 8.73 3.82
C ALA A 30 -33.78 7.55 4.38
N LEU A 31 -33.83 6.44 3.63
CA LEU A 31 -34.50 5.24 4.12
C LEU A 31 -33.82 4.70 5.38
N VAL A 32 -32.48 4.64 5.36
CA VAL A 32 -31.74 4.17 6.53
C VAL A 32 -31.95 5.11 7.70
N GLY A 33 -31.97 6.42 7.44
CA GLY A 33 -32.22 7.37 8.50
C GLY A 33 -33.59 7.19 9.13
N LEU A 34 -34.61 6.96 8.30
CA LEU A 34 -35.95 6.73 8.83
C LEU A 34 -36.02 5.44 9.63
N ILE A 35 -35.41 4.37 9.11
CA ILE A 35 -35.40 3.08 9.82
C ILE A 35 -34.72 3.24 11.17
N THR A 36 -33.65 4.02 11.22
CA THR A 36 -33.04 4.34 12.50
C THR A 36 -33.97 5.17 13.36
N TYR A 37 -34.72 6.10 12.75
CA TYR A 37 -35.58 7.01 13.49
C TYR A 37 -36.65 6.25 14.26
N PHE A 38 -37.40 5.38 13.60
CA PHE A 38 -38.35 4.54 14.30
C PHE A 38 -37.71 3.18 14.55
N GLY A 39 -37.53 2.84 15.83
CA GLY A 39 -36.74 1.70 16.21
C GLY A 39 -35.56 2.10 17.08
N LYS A 40 -34.37 1.59 16.77
CA LYS A 40 -33.17 1.89 17.55
C LYS A 40 -32.42 3.06 16.91
N TRP A 41 -32.24 4.13 17.68
CA TRP A 41 -31.50 5.29 17.18
C TRP A 41 -30.39 5.69 18.15
N THR A 42 -30.66 5.60 19.46
CA THR A 42 -29.61 5.81 20.44
C THR A 42 -28.77 4.57 20.65
N TYR A 43 -29.35 3.39 20.46
CA TYR A 43 -28.58 2.15 20.53
C TYR A 43 -27.42 2.20 19.55
N LEU A 44 -27.70 2.58 18.30
CA LEU A 44 -26.64 2.75 17.31
C LEU A 44 -25.59 3.72 17.80
N TRP A 45 -26.00 4.78 18.50
CA TRP A 45 -25.01 5.70 19.05
C TRP A 45 -24.33 5.09 20.27
N LYS A 46 -25.06 4.39 21.12
CA LYS A 46 -24.53 4.06 22.44
C LYS A 46 -23.76 2.75 22.48
N GLU A 47 -23.99 1.84 21.54
CA GLU A 47 -23.29 0.57 21.51
C GLU A 47 -22.41 0.42 20.29
N TRP A 48 -22.92 0.76 19.11
CA TRP A 48 -22.07 0.95 17.94
C TRP A 48 -21.69 2.43 17.85
N LEU A 49 -20.85 2.76 16.87
CA LEU A 49 -20.57 4.14 16.46
C LEU A 49 -19.82 4.92 17.53
N THR A 50 -19.77 4.38 18.73
CA THR A 50 -18.96 4.92 19.82
C THR A 50 -18.10 3.84 20.44
N SER A 51 -18.22 2.61 19.95
CA SER A 51 -17.68 1.46 20.64
C SER A 51 -16.16 1.51 20.70
N VAL A 52 -15.61 0.99 21.79
CA VAL A 52 -14.19 0.78 21.91
C VAL A 52 -13.99 -0.72 22.04
N ASP A 53 -15.02 -1.48 21.65
CA ASP A 53 -14.99 -2.93 21.70
C ASP A 53 -14.54 -3.45 20.34
N HIS A 54 -13.56 -4.35 20.36
CA HIS A 54 -12.97 -4.81 19.11
C HIS A 54 -13.98 -5.55 18.23
N LYS A 55 -14.93 -6.24 18.85
CA LYS A 55 -15.89 -7.02 18.06
C LYS A 55 -16.83 -6.11 17.28
N ARG A 56 -17.31 -5.04 17.88
CA ARG A 56 -18.24 -4.16 17.18
C ARG A 56 -17.53 -3.28 16.17
N LEU A 57 -16.32 -2.82 16.48
CA LEU A 57 -15.53 -2.09 15.50
C LEU A 57 -15.20 -2.97 14.32
N GLY A 58 -14.87 -4.25 14.56
CA GLY A 58 -14.63 -5.16 13.45
C GLY A 58 -15.86 -5.39 12.60
N ILE A 59 -17.03 -5.55 13.25
CA ILE A 59 -18.26 -5.76 12.49
C ILE A 59 -18.56 -4.52 11.65
N MET A 60 -18.36 -3.33 12.21
CA MET A 60 -18.60 -2.10 11.45
C MET A 60 -17.60 -1.96 10.30
N TYR A 61 -16.35 -2.37 10.53
CA TYR A 61 -15.37 -2.41 9.45
C TYR A 61 -15.85 -3.30 8.31
N ILE A 62 -16.34 -4.49 8.65
CA ILE A 62 -16.79 -5.42 7.63
C ILE A 62 -18.04 -4.90 6.92
N ILE A 63 -18.92 -4.21 7.65
CA ILE A 63 -20.11 -3.64 7.02
C ILE A 63 -19.72 -2.54 6.04
N VAL A 64 -18.76 -1.70 6.42
CA VAL A 64 -18.28 -0.68 5.50
C VAL A 64 -17.64 -1.33 4.28
N ALA A 65 -16.90 -2.43 4.51
CA ALA A 65 -16.27 -3.13 3.39
C ALA A 65 -17.30 -3.67 2.42
N ILE A 66 -18.38 -4.26 2.92
CA ILE A 66 -19.43 -4.78 2.04
C ILE A 66 -20.12 -3.65 1.30
N VAL A 67 -20.47 -2.57 2.02
CA VAL A 67 -21.19 -1.46 1.41
C VAL A 67 -20.34 -0.81 0.32
N MET A 68 -19.03 -0.71 0.53
CA MET A 68 -18.16 -0.17 -0.50
C MET A 68 -17.80 -1.19 -1.57
N LEU A 69 -17.94 -2.49 -1.28
CA LEU A 69 -17.78 -3.50 -2.30
C LEU A 69 -18.90 -3.45 -3.30
N LEU A 70 -20.09 -3.06 -2.86
CA LEU A 70 -21.18 -2.88 -3.81
C LEU A 70 -20.87 -1.77 -4.81
N ARG A 71 -20.31 -0.65 -4.34
CA ARG A 71 -19.98 0.44 -5.25
C ARG A 71 -18.78 0.11 -6.12
N GLY A 72 -17.77 -0.53 -5.54
CA GLY A 72 -16.61 -0.94 -6.34
C GLY A 72 -17.00 -1.90 -7.44
N PHE A 73 -17.88 -2.84 -7.13
CA PHE A 73 -18.31 -3.77 -8.17
C PHE A 73 -19.26 -3.11 -9.16
N ALA A 74 -20.03 -2.09 -8.74
CA ALA A 74 -20.79 -1.32 -9.71
C ALA A 74 -19.85 -0.64 -10.70
N ASP A 75 -18.75 -0.06 -10.20
CA ASP A 75 -17.76 0.55 -11.07
C ASP A 75 -17.15 -0.49 -12.00
N ALA A 76 -16.90 -1.69 -11.49
CA ALA A 76 -16.28 -2.73 -12.31
C ALA A 76 -17.22 -3.32 -13.36
N ILE A 77 -18.52 -3.41 -13.06
CA ILE A 77 -19.48 -3.85 -14.06
C ILE A 77 -19.70 -2.76 -15.11
N MET A 78 -19.62 -1.49 -14.73
CA MET A 78 -19.69 -0.44 -15.74
C MET A 78 -18.44 -0.45 -16.62
N MET A 79 -17.27 -0.72 -16.04
CA MET A 79 -16.06 -0.84 -16.84
C MET A 79 -16.14 -2.01 -17.81
N ARG A 80 -16.64 -3.16 -17.35
CA ARG A 80 -16.76 -4.30 -18.25
C ARG A 80 -17.79 -4.05 -19.34
N SER A 81 -18.90 -3.37 -19.02
CA SER A 81 -19.88 -3.05 -20.04
C SER A 81 -19.34 -2.07 -21.06
N GLN A 82 -18.62 -1.05 -20.61
CA GLN A 82 -18.02 -0.08 -21.53
C GLN A 82 -16.99 -0.75 -22.43
N GLN A 83 -16.13 -1.60 -21.87
CA GLN A 83 -15.11 -2.25 -22.68
C GLN A 83 -15.72 -3.27 -23.64
N ALA A 84 -16.82 -3.90 -23.25
CA ALA A 84 -17.48 -4.82 -24.17
C ALA A 84 -18.19 -4.07 -25.30
N LEU A 85 -18.79 -2.92 -24.98
CA LEU A 85 -19.46 -2.15 -26.02
C LEU A 85 -18.47 -1.51 -26.99
N ALA A 86 -17.39 -0.93 -26.46
CA ALA A 86 -16.44 -0.22 -27.32
C ALA A 86 -15.75 -1.18 -28.29
N SER A 87 -15.39 -2.37 -27.83
CA SER A 87 -14.76 -3.35 -28.70
C SER A 87 -15.75 -3.82 -29.75
N ALA A 88 -15.37 -3.71 -31.03
CA ALA A 88 -16.22 -4.08 -32.15
C ALA A 88 -17.60 -3.45 -32.03
N GLY A 89 -17.60 -2.12 -31.99
CA GLY A 89 -18.84 -1.39 -31.89
C GLY A 89 -18.58 0.10 -31.73
N GLU A 90 -19.66 0.83 -31.52
CA GLU A 90 -19.58 2.27 -31.36
C GLU A 90 -19.09 2.61 -29.95
N ALA A 91 -19.03 3.91 -29.65
CA ALA A 91 -18.66 4.33 -28.32
C ALA A 91 -19.72 3.91 -27.31
N GLY A 92 -19.30 3.75 -26.06
CA GLY A 92 -20.16 3.29 -25.00
C GLY A 92 -20.79 4.43 -24.23
N PHE A 93 -21.53 4.06 -23.19
CA PHE A 93 -22.21 5.03 -22.35
C PHE A 93 -21.25 5.87 -21.51
N LEU A 94 -19.99 5.46 -21.40
CA LEU A 94 -19.01 6.20 -20.62
C LEU A 94 -18.03 6.92 -21.54
N PRO A 95 -18.04 8.24 -21.59
CA PRO A 95 -17.00 8.96 -22.33
C PRO A 95 -15.66 8.81 -21.63
N PRO A 96 -14.55 9.14 -22.31
CA PRO A 96 -13.23 8.96 -21.68
C PRO A 96 -13.09 9.69 -20.35
N HIS A 97 -13.71 10.87 -20.23
CA HIS A 97 -13.64 11.62 -18.98
C HIS A 97 -14.22 10.81 -17.82
N HIS A 98 -15.44 10.30 -17.98
CA HIS A 98 -16.09 9.62 -16.87
C HIS A 98 -15.46 8.26 -16.59
N TYR A 99 -15.15 7.49 -17.65
CA TYR A 99 -14.58 6.16 -17.46
C TYR A 99 -13.27 6.22 -16.71
N ASP A 100 -12.51 7.30 -16.87
CA ASP A 100 -11.21 7.40 -16.20
C ASP A 100 -11.35 7.69 -14.72
N GLN A 101 -12.51 8.17 -14.29
CA GLN A 101 -12.84 8.17 -12.86
C GLN A 101 -13.32 6.81 -12.40
N ILE A 102 -13.72 5.93 -13.32
CA ILE A 102 -14.32 4.66 -12.91
C ILE A 102 -13.25 3.65 -12.51
N PHE A 103 -12.16 3.54 -13.27
CA PHE A 103 -11.13 2.60 -12.85
C PHE A 103 -10.36 3.16 -11.65
N THR A 104 -10.14 4.47 -11.60
CA THR A 104 -9.43 5.04 -10.46
C THR A 104 -10.23 4.87 -9.18
N ALA A 105 -11.53 5.20 -9.23
CA ALA A 105 -12.37 5.02 -8.06
C ALA A 105 -12.56 3.55 -7.74
N HIS A 106 -12.66 2.69 -8.76
CA HIS A 106 -12.78 1.27 -8.50
C HIS A 106 -11.55 0.75 -7.76
N GLY A 107 -10.36 1.09 -8.23
CA GLY A 107 -9.17 0.60 -7.57
C GLY A 107 -8.97 1.16 -6.19
N VAL A 108 -9.27 2.44 -6.00
CA VAL A 108 -9.12 3.04 -4.67
C VAL A 108 -10.14 2.49 -3.69
N ILE A 109 -11.41 2.41 -4.10
CA ILE A 109 -12.44 1.88 -3.22
C ILE A 109 -12.14 0.42 -2.88
N MET A 110 -11.81 -0.38 -3.88
CA MET A 110 -11.60 -1.80 -3.63
C MET A 110 -10.37 -2.05 -2.77
N ILE A 111 -9.29 -1.30 -2.96
CA ILE A 111 -8.08 -1.55 -2.19
C ILE A 111 -8.18 -0.95 -0.79
N PHE A 112 -8.49 0.34 -0.67
CA PHE A 112 -8.42 0.99 0.62
C PHE A 112 -9.70 0.91 1.42
N PHE A 113 -10.85 0.68 0.78
CA PHE A 113 -12.12 0.72 1.47
C PHE A 113 -12.95 -0.55 1.32
N VAL A 114 -12.43 -1.57 0.64
CA VAL A 114 -13.15 -2.84 0.55
C VAL A 114 -12.27 -3.99 1.03
N ALA A 115 -10.97 -3.86 0.85
CA ALA A 115 -10.04 -4.92 1.25
C ALA A 115 -9.33 -4.62 2.55
N MET A 116 -8.79 -3.41 2.70
CA MET A 116 -8.19 -3.02 3.96
C MET A 116 -9.21 -3.04 5.08
N PRO A 117 -10.41 -2.46 4.91
CA PRO A 117 -11.39 -2.54 6.01
C PRO A 117 -11.88 -3.94 6.28
N PHE A 118 -12.02 -4.78 5.26
CA PHE A 118 -12.45 -6.15 5.51
C PHE A 118 -11.41 -6.94 6.30
N VAL A 119 -10.14 -6.81 5.90
CA VAL A 119 -9.08 -7.51 6.61
C VAL A 119 -8.91 -6.95 8.01
N ILE A 120 -9.02 -5.63 8.16
CA ILE A 120 -8.87 -5.02 9.47
C ILE A 120 -10.05 -5.40 10.37
N GLY A 121 -11.25 -5.52 9.80
CA GLY A 121 -12.38 -5.96 10.59
C GLY A 121 -12.24 -7.40 11.06
N LEU A 122 -11.79 -8.29 10.17
CA LEU A 122 -11.55 -9.66 10.60
C LEU A 122 -10.51 -9.71 11.70
N MET A 123 -9.40 -8.98 11.53
CA MET A 123 -8.36 -8.97 12.55
C MET A 123 -8.88 -8.38 13.86
N ASN A 124 -9.66 -7.31 13.79
CA ASN A 124 -10.20 -6.64 14.95
C ASN A 124 -11.15 -7.55 15.71
N LEU A 125 -11.95 -8.32 14.98
CA LEU A 125 -12.92 -9.21 15.61
C LEU A 125 -12.25 -10.44 16.21
N VAL A 126 -11.22 -10.98 15.56
CA VAL A 126 -10.71 -12.30 15.91
C VAL A 126 -9.49 -12.23 16.81
N VAL A 127 -8.50 -11.38 16.47
CA VAL A 127 -7.22 -11.43 17.17
C VAL A 127 -7.35 -11.24 18.67
N PRO A 128 -8.08 -10.24 19.17
CA PRO A 128 -8.25 -10.15 20.64
C PRO A 128 -8.89 -11.38 21.25
N LEU A 129 -9.82 -12.01 20.53
CA LEU A 129 -10.39 -13.27 21.01
C LEU A 129 -9.35 -14.39 21.00
N GLN A 130 -8.60 -14.51 19.91
CA GLN A 130 -7.68 -15.63 19.77
C GLN A 130 -6.54 -15.55 20.77
N ILE A 131 -6.07 -14.34 21.09
CA ILE A 131 -4.91 -14.19 21.97
C ILE A 131 -5.38 -14.09 23.42
N GLY A 132 -6.65 -14.34 23.66
CA GLY A 132 -7.18 -14.28 25.01
C GLY A 132 -7.05 -12.90 25.63
N ALA A 133 -7.52 -11.89 24.91
CA ALA A 133 -7.45 -10.51 25.38
C ALA A 133 -8.86 -9.93 25.43
N ARG A 134 -9.13 -9.15 26.47
CA ARG A 134 -10.46 -8.57 26.62
C ARG A 134 -10.72 -7.49 25.59
N ASP A 135 -9.68 -6.78 25.15
CA ASP A 135 -9.83 -5.72 24.17
C ASP A 135 -8.46 -5.45 23.56
N VAL A 136 -8.46 -4.63 22.51
CA VAL A 136 -7.22 -4.23 21.86
C VAL A 136 -6.42 -3.37 22.83
N ALA A 137 -5.13 -3.19 22.56
CA ALA A 137 -4.27 -2.48 23.49
C ALA A 137 -4.68 -1.02 23.63
N PHE A 138 -5.17 -0.42 22.55
CA PHE A 138 -5.56 0.99 22.52
C PHE A 138 -7.01 1.06 22.05
N PRO A 139 -7.96 0.85 22.96
CA PRO A 139 -9.37 0.75 22.56
C PRO A 139 -9.94 2.02 21.93
N PHE A 140 -9.36 3.19 22.19
CA PHE A 140 -9.84 4.41 21.56
C PHE A 140 -9.12 4.73 20.27
N LEU A 141 -7.92 4.19 20.07
CA LEU A 141 -7.22 4.29 18.80
C LEU A 141 -7.79 3.34 17.77
N ASN A 142 -8.74 2.50 18.17
CA ASN A 142 -9.40 1.56 17.28
C ASN A 142 -10.68 2.16 16.70
N ASN A 143 -11.48 2.82 17.56
CA ASN A 143 -12.65 3.52 17.09
C ASN A 143 -12.26 4.71 16.22
N LEU A 144 -11.22 5.45 16.62
CA LEU A 144 -10.75 6.56 15.82
C LEU A 144 -10.23 6.09 14.47
N SER A 145 -9.51 4.97 14.45
CA SER A 145 -9.02 4.43 13.18
C SER A 145 -10.16 3.99 12.28
N PHE A 146 -11.19 3.36 12.86
CA PHE A 146 -12.35 3.00 12.07
C PHE A 146 -13.02 4.24 11.48
N TRP A 147 -13.15 5.29 12.29
CA TRP A 147 -13.81 6.50 11.77
C TRP A 147 -12.94 7.24 10.77
N PHE A 148 -11.62 7.07 10.81
CA PHE A 148 -10.79 7.58 9.74
C PHE A 148 -10.98 6.79 8.46
N THR A 149 -11.16 5.48 8.56
CA THR A 149 -11.54 4.72 7.37
C THR A 149 -12.89 5.19 6.85
N VAL A 150 -13.81 5.53 7.76
CA VAL A 150 -15.12 6.02 7.34
C VAL A 150 -15.04 7.40 6.71
N VAL A 151 -14.16 8.28 7.18
CA VAL A 151 -14.04 9.58 6.53
C VAL A 151 -13.42 9.43 5.14
N GLY A 152 -12.49 8.48 4.99
CA GLY A 152 -12.01 8.18 3.65
C GLY A 152 -13.13 7.71 2.74
N VAL A 153 -13.99 6.82 3.25
CA VAL A 153 -15.14 6.35 2.49
C VAL A 153 -16.06 7.52 2.12
N ILE A 154 -16.33 8.40 3.08
CA ILE A 154 -17.23 9.52 2.83
C ILE A 154 -16.65 10.44 1.78
N LEU A 155 -15.33 10.64 1.77
CA LEU A 155 -14.74 11.51 0.75
C LEU A 155 -14.77 10.87 -0.62
N VAL A 156 -14.47 9.57 -0.72
CA VAL A 156 -14.51 8.92 -2.04
C VAL A 156 -15.93 8.72 -2.54
N ASN A 157 -16.94 8.85 -1.68
CA ASN A 157 -18.32 8.83 -2.14
C ASN A 157 -18.87 10.21 -2.46
N VAL A 158 -18.48 11.23 -1.69
CA VAL A 158 -18.82 12.61 -2.04
C VAL A 158 -18.21 12.97 -3.38
N SER A 159 -17.04 12.43 -3.70
CA SER A 159 -16.43 12.67 -5.01
C SER A 159 -17.37 12.30 -6.14
N LEU A 160 -18.18 11.25 -5.96
CA LEU A 160 -19.12 10.85 -7.00
C LEU A 160 -20.15 11.94 -7.28
N GLY A 161 -20.71 12.54 -6.24
CA GLY A 161 -21.70 13.57 -6.44
C GLY A 161 -21.10 14.94 -6.65
N VAL A 162 -20.32 15.41 -5.69
CA VAL A 162 -19.66 16.70 -5.79
C VAL A 162 -18.27 16.52 -6.40
N GLY A 163 -18.08 17.05 -7.60
CA GLY A 163 -16.78 17.01 -8.25
C GLY A 163 -16.49 15.72 -8.98
N GLU A 164 -15.23 15.30 -8.95
CA GLU A 164 -14.77 14.10 -9.63
C GLU A 164 -13.76 13.38 -8.74
N PHE A 165 -13.46 12.14 -9.09
CA PHE A 165 -12.50 11.37 -8.32
C PHE A 165 -11.31 10.90 -9.15
N ALA A 166 -10.64 11.84 -9.83
CA ALA A 166 -9.31 11.62 -10.39
C ALA A 166 -9.34 10.74 -11.62
N GLN A 167 -8.62 11.16 -12.66
CA GLN A 167 -8.55 10.42 -13.91
C GLN A 167 -7.10 10.09 -14.18
N THR A 168 -6.41 9.58 -13.15
CA THR A 168 -4.99 9.31 -13.20
C THR A 168 -4.62 7.86 -12.96
N GLY A 169 -5.50 7.06 -12.36
CA GLY A 169 -5.16 5.71 -11.96
C GLY A 169 -5.26 5.57 -10.45
N TRP A 170 -5.33 4.35 -9.95
CA TRP A 170 -5.56 4.16 -8.53
C TRP A 170 -4.35 4.51 -7.68
N LEU A 171 -3.19 4.76 -8.30
CA LEU A 171 -2.02 5.24 -7.59
C LEU A 171 -1.62 6.65 -7.97
N ALA A 172 -2.22 7.23 -9.01
CA ALA A 172 -2.04 8.64 -9.38
C ALA A 172 -0.57 8.95 -9.66
N TYR A 173 -0.08 8.40 -10.77
CA TYR A 173 1.28 8.62 -11.21
C TYR A 173 1.55 10.11 -11.38
N PRO A 174 2.77 10.57 -11.09
CA PRO A 174 3.00 11.98 -10.74
C PRO A 174 2.69 12.96 -11.85
N PRO A 175 3.14 12.75 -13.10
CA PRO A 175 2.95 13.84 -14.07
C PRO A 175 1.50 14.07 -14.42
N LEU A 176 0.71 13.01 -14.52
CA LEU A 176 -0.71 13.16 -14.82
C LEU A 176 -1.50 13.62 -13.60
N SER A 177 -1.07 13.23 -12.40
CA SER A 177 -1.72 13.66 -11.17
C SER A 177 -1.24 15.02 -10.71
N GLY A 178 -0.32 15.65 -11.43
CA GLY A 178 0.13 16.98 -11.07
C GLY A 178 -0.94 18.02 -11.32
N ILE A 179 -0.71 19.21 -10.76
CA ILE A 179 -1.70 20.28 -10.86
C ILE A 179 -1.79 20.83 -12.28
N GLU A 180 -0.75 20.64 -13.09
CA GLU A 180 -0.78 21.17 -14.45
C GLU A 180 -1.57 20.30 -15.42
N TYR A 181 -1.55 18.98 -15.22
CA TYR A 181 -2.25 18.07 -16.12
C TYR A 181 -3.55 17.55 -15.56
N SER A 182 -3.77 17.68 -14.26
CA SER A 182 -5.05 17.36 -13.63
C SER A 182 -5.45 18.51 -12.71
N PRO A 183 -5.84 19.65 -13.29
CA PRO A 183 -6.18 20.81 -12.46
C PRO A 183 -7.46 20.65 -11.67
N GLY A 184 -8.25 19.62 -11.93
CA GLY A 184 -9.49 19.42 -11.22
C GLY A 184 -9.26 18.95 -9.79
N VAL A 185 -10.38 18.77 -9.08
CA VAL A 185 -10.33 18.36 -7.69
C VAL A 185 -10.28 16.85 -7.51
N GLY A 186 -10.21 16.09 -8.60
CA GLY A 186 -10.24 14.64 -8.49
C GLY A 186 -9.04 14.09 -7.74
N VAL A 187 -7.85 14.56 -8.09
CA VAL A 187 -6.65 14.11 -7.38
C VAL A 187 -6.62 14.64 -5.97
N ASP A 188 -7.28 15.77 -5.70
CA ASP A 188 -7.42 16.21 -4.33
C ASP A 188 -8.33 15.29 -3.53
N TYR A 189 -9.41 14.80 -4.14
CA TYR A 189 -10.24 13.80 -3.47
C TYR A 189 -9.44 12.54 -3.20
N TRP A 190 -8.66 12.09 -4.18
CA TRP A 190 -7.82 10.92 -4.01
C TRP A 190 -6.84 11.13 -2.86
N ILE A 191 -6.16 12.27 -2.83
CA ILE A 191 -5.15 12.52 -1.82
C ILE A 191 -5.76 12.59 -0.43
N TRP A 192 -6.84 13.34 -0.28
CA TRP A 192 -7.39 13.58 1.04
C TRP A 192 -8.27 12.45 1.55
N SER A 193 -8.66 11.52 0.69
CA SER A 193 -9.24 10.29 1.21
C SER A 193 -8.15 9.30 1.59
N LEU A 194 -7.13 9.14 0.73
CA LEU A 194 -6.09 8.17 0.99
C LEU A 194 -5.26 8.53 2.20
N GLN A 195 -5.02 9.82 2.44
CA GLN A 195 -4.17 10.19 3.57
C GLN A 195 -4.88 9.95 4.89
N LEU A 196 -6.17 10.29 4.98
CA LEU A 196 -6.92 10.00 6.19
C LEU A 196 -7.06 8.49 6.41
N SER A 197 -7.34 7.74 5.34
CA SER A 197 -7.42 6.29 5.48
C SER A 197 -6.08 5.71 5.90
N GLY A 198 -4.98 6.26 5.38
CA GLY A 198 -3.67 5.78 5.77
C GLY A 198 -3.33 6.08 7.22
N ILE A 199 -3.75 7.25 7.71
CA ILE A 199 -3.57 7.56 9.12
C ILE A 199 -4.36 6.57 9.98
N GLY A 200 -5.62 6.33 9.61
CA GLY A 200 -6.41 5.35 10.33
C GLY A 200 -5.78 3.97 10.31
N THR A 201 -5.25 3.57 9.16
CA THR A 201 -4.65 2.25 9.04
C THR A 201 -3.33 2.13 9.80
N THR A 202 -2.53 3.20 9.82
CA THR A 202 -1.31 3.19 10.61
C THR A 202 -1.63 3.08 12.10
N LEU A 203 -2.68 3.77 12.55
CA LEU A 203 -3.09 3.64 13.94
C LEU A 203 -3.62 2.24 14.23
N THR A 204 -4.34 1.64 13.28
CA THR A 204 -4.80 0.27 13.43
C THR A 204 -3.62 -0.69 13.56
N GLY A 205 -2.60 -0.49 12.73
CA GLY A 205 -1.43 -1.35 12.79
C GLY A 205 -0.68 -1.22 14.10
N ILE A 206 -0.52 0.02 14.58
CA ILE A 206 0.11 0.22 15.89
C ILE A 206 -0.69 -0.48 16.97
N ASN A 207 -2.01 -0.31 16.95
CA ASN A 207 -2.88 -0.88 17.97
C ASN A 207 -2.76 -2.39 17.99
N PHE A 208 -2.89 -3.03 16.83
CA PHE A 208 -2.84 -4.49 16.80
C PHE A 208 -1.45 -5.04 17.07
N PHE A 209 -0.39 -4.32 16.70
CA PHE A 209 0.95 -4.78 17.03
C PHE A 209 1.15 -4.80 18.54
N VAL A 210 0.70 -3.74 19.22
CA VAL A 210 0.82 -3.74 20.68
C VAL A 210 -0.11 -4.77 21.30
N THR A 211 -1.30 -4.96 20.73
CA THR A 211 -2.24 -5.94 21.26
C THR A 211 -1.66 -7.35 21.20
N ILE A 212 -1.07 -7.71 20.05
CA ILE A 212 -0.51 -9.04 19.92
C ILE A 212 0.74 -9.20 20.77
N LEU A 213 1.58 -8.17 20.82
CA LEU A 213 2.82 -8.32 21.58
C LEU A 213 2.62 -8.22 23.09
N LYS A 214 1.63 -7.45 23.55
CA LYS A 214 1.53 -7.11 24.96
C LYS A 214 0.25 -7.57 25.64
N MET A 215 -0.81 -7.86 24.89
CA MET A 215 -2.09 -8.22 25.49
C MET A 215 -2.40 -9.71 25.40
N ARG A 216 -1.38 -10.54 25.21
CA ARG A 216 -1.59 -11.98 25.13
C ARG A 216 -1.97 -12.56 26.49
N ALA A 217 -2.68 -13.67 26.46
CA ALA A 217 -3.02 -14.37 27.68
C ALA A 217 -1.76 -14.99 28.30
N PRO A 218 -1.68 -15.06 29.63
CA PRO A 218 -0.50 -15.65 30.26
C PRO A 218 -0.34 -17.11 29.90
N GLY A 219 0.85 -17.47 29.43
CA GLY A 219 1.16 -18.82 29.01
C GLY A 219 1.19 -19.01 27.51
N MET A 220 0.57 -18.11 26.76
CA MET A 220 0.63 -18.16 25.30
C MET A 220 1.88 -17.43 24.85
N THR A 221 2.89 -18.18 24.45
CA THR A 221 4.11 -17.58 23.93
C THR A 221 3.95 -17.27 22.45
N MET A 222 5.01 -16.74 21.85
CA MET A 222 4.93 -16.32 20.45
C MET A 222 4.56 -17.48 19.53
N PHE A 223 5.15 -18.65 19.76
CA PHE A 223 4.88 -19.82 18.93
C PHE A 223 3.75 -20.70 19.46
N LYS A 224 2.96 -20.18 20.40
CA LYS A 224 1.70 -20.82 20.78
C LYS A 224 0.49 -20.03 20.31
N MET A 225 0.69 -18.88 19.66
CA MET A 225 -0.42 -18.10 19.16
C MET A 225 -1.04 -18.78 17.94
N PRO A 226 -2.32 -18.53 17.68
CA PRO A 226 -2.92 -19.03 16.42
C PRO A 226 -2.19 -18.45 15.22
N VAL A 227 -2.40 -19.09 14.07
CA VAL A 227 -1.71 -18.65 12.86
C VAL A 227 -2.37 -17.42 12.25
N PHE A 228 -3.66 -17.19 12.50
CA PHE A 228 -4.23 -15.92 12.11
C PHE A 228 -3.66 -14.78 12.93
N THR A 229 -3.28 -15.04 14.18
CA THR A 229 -2.63 -14.01 14.99
C THR A 229 -1.23 -13.71 14.48
N TRP A 230 -0.47 -14.75 14.09
CA TRP A 230 0.84 -14.52 13.49
C TRP A 230 0.72 -13.73 12.18
N ALA A 231 -0.26 -14.10 11.35
CA ALA A 231 -0.46 -13.42 10.08
C ALA A 231 -0.87 -11.96 10.31
N SER A 232 -1.74 -11.71 11.29
CA SER A 232 -2.09 -10.33 11.61
C SER A 232 -0.91 -9.56 12.17
N LEU A 233 -0.06 -10.21 12.95
CA LEU A 233 1.13 -9.55 13.47
C LEU A 233 2.06 -9.15 12.34
N CYS A 234 2.21 -10.02 11.35
CA CYS A 234 3.06 -9.70 10.20
C CYS A 234 2.45 -8.58 9.36
N ALA A 235 1.13 -8.63 9.13
CA ALA A 235 0.49 -7.57 8.39
C ALA A 235 0.53 -6.24 9.12
N ASN A 236 0.54 -6.26 10.46
CA ASN A 236 0.66 -5.03 11.21
C ASN A 236 2.08 -4.51 11.25
N VAL A 237 3.07 -5.40 11.24
CA VAL A 237 4.45 -4.97 11.04
C VAL A 237 4.56 -4.23 9.72
N LEU A 238 3.97 -4.81 8.67
CA LEU A 238 4.02 -4.16 7.36
C LEU A 238 3.26 -2.83 7.37
N ILE A 239 2.10 -2.80 8.01
CA ILE A 239 1.33 -1.55 8.10
C ILE A 239 2.14 -0.47 8.80
N ILE A 240 2.85 -0.83 9.87
CA ILE A 240 3.66 0.15 10.59
C ILE A 240 4.82 0.62 9.72
N ALA A 241 5.45 -0.29 8.99
CA ALA A 241 6.66 0.03 8.26
C ALA A 241 6.40 0.42 6.80
N SER A 242 5.15 0.45 6.35
CA SER A 242 4.90 0.80 4.95
C SER A 242 3.93 1.94 4.76
N PHE A 243 2.87 2.01 5.57
CA PHE A 243 1.87 3.07 5.39
C PHE A 243 2.43 4.47 5.63
N PRO A 244 3.41 4.66 6.52
CA PRO A 244 4.07 5.97 6.57
C PRO A 244 4.60 6.42 5.22
N ILE A 245 5.15 5.51 4.42
CA ILE A 245 5.54 5.85 3.05
C ILE A 245 4.35 6.42 2.30
N LEU A 246 3.21 5.73 2.37
CA LEU A 246 2.00 6.24 1.73
C LEU A 246 1.61 7.59 2.31
N THR A 247 1.88 7.80 3.60
CA THR A 247 1.60 9.11 4.19
C THR A 247 2.50 10.18 3.60
N VAL A 248 3.76 9.85 3.31
CA VAL A 248 4.70 10.84 2.82
C VAL A 248 4.44 11.17 1.36
N THR A 249 4.50 10.16 0.50
CA THR A 249 4.44 10.41 -0.94
C THR A 249 3.15 11.13 -1.32
N VAL A 250 2.01 10.68 -0.79
CA VAL A 250 0.76 11.38 -1.03
C VAL A 250 0.86 12.82 -0.54
N ALA A 251 1.40 13.00 0.66
CA ALA A 251 1.64 14.36 1.14
C ALA A 251 2.62 15.09 0.23
N LEU A 252 3.65 14.39 -0.25
CA LEU A 252 4.56 15.01 -1.19
C LEU A 252 3.85 15.34 -2.50
N LEU A 253 2.82 14.58 -2.85
CA LEU A 253 1.99 14.96 -3.98
C LEU A 253 1.10 16.14 -3.61
N THR A 254 0.64 16.18 -2.36
CA THR A 254 -0.23 17.27 -1.93
C THR A 254 0.47 18.61 -2.06
N LEU A 255 1.70 18.70 -1.57
CA LEU A 255 2.46 19.93 -1.71
C LEU A 255 2.75 20.23 -3.17
N ASP A 256 2.79 19.20 -4.02
CA ASP A 256 2.94 19.43 -5.45
C ASP A 256 1.71 20.13 -6.02
N ARG A 257 0.53 19.82 -5.49
CA ARG A 257 -0.71 20.36 -6.03
C ARG A 257 -1.19 21.62 -5.32
N TYR A 258 -0.75 21.86 -4.09
CA TYR A 258 -1.21 22.98 -3.30
C TYR A 258 -0.19 24.11 -3.19
N LEU A 259 1.03 23.80 -2.76
CA LEU A 259 2.06 24.82 -2.61
C LEU A 259 2.85 25.05 -3.88
N GLY A 260 2.56 24.31 -4.95
CA GLY A 260 3.31 24.47 -6.18
C GLY A 260 4.74 23.98 -6.10
N THR A 261 5.03 23.03 -5.23
CA THR A 261 6.37 22.50 -5.10
C THR A 261 6.70 21.61 -6.31
N HIS A 262 7.95 21.15 -6.35
CA HIS A 262 8.46 20.41 -7.49
C HIS A 262 9.14 19.12 -7.05
N PHE A 263 8.47 18.33 -6.21
CA PHE A 263 8.98 17.00 -5.90
C PHE A 263 8.93 16.09 -7.13
N PHE A 264 7.79 16.08 -7.81
CA PHE A 264 7.53 15.13 -8.87
C PHE A 264 7.17 15.79 -10.19
N THR A 265 7.10 17.11 -10.25
CA THR A 265 6.87 17.78 -11.52
C THR A 265 8.09 17.63 -12.42
N ASN A 266 7.84 17.36 -13.69
CA ASN A 266 8.90 17.16 -14.66
C ASN A 266 9.44 18.47 -15.22
N ASP A 267 9.24 19.58 -14.52
CA ASP A 267 9.52 20.90 -15.08
C ASP A 267 10.79 21.52 -14.52
N MET A 268 10.88 21.68 -13.20
CA MET A 268 11.93 22.51 -12.62
C MET A 268 12.82 21.73 -11.66
N GLY A 269 13.27 20.55 -12.08
CA GLY A 269 14.18 19.76 -11.29
C GLY A 269 13.55 18.60 -10.55
N GLY A 270 12.23 18.56 -10.46
CA GLY A 270 11.58 17.44 -9.82
C GLY A 270 11.76 16.15 -10.62
N ASN A 271 11.75 15.04 -9.89
CA ASN A 271 11.94 13.72 -10.48
C ASN A 271 10.66 12.93 -10.32
N MET A 272 9.92 12.76 -11.43
CA MET A 272 8.67 12.01 -11.36
C MET A 272 8.89 10.55 -11.03
N MET A 273 10.04 9.99 -11.42
CA MET A 273 10.33 8.59 -11.17
C MET A 273 10.44 8.29 -9.68
N MET A 274 10.63 9.32 -8.86
CA MET A 274 10.68 9.10 -7.41
C MET A 274 9.31 8.75 -6.86
N TYR A 275 8.24 9.37 -7.39
CA TYR A 275 6.91 9.06 -6.90
C TYR A 275 6.54 7.61 -7.16
N ILE A 276 6.90 7.06 -8.31
CA ILE A 276 6.58 5.66 -8.57
C ILE A 276 7.37 4.76 -7.63
N ASN A 277 8.64 5.11 -7.37
CA ASN A 277 9.46 4.32 -6.46
C ASN A 277 8.85 4.31 -5.06
N LEU A 278 8.41 5.47 -4.57
CA LEU A 278 7.85 5.51 -3.22
C LEU A 278 6.48 4.86 -3.17
N ILE A 279 5.62 5.15 -4.15
CA ILE A 279 4.27 4.62 -4.12
C ILE A 279 4.27 3.12 -4.26
N TRP A 280 5.26 2.53 -4.93
CA TRP A 280 5.29 1.07 -4.98
C TRP A 280 6.07 0.44 -3.83
N ALA A 281 7.05 1.16 -3.27
CA ALA A 281 7.66 0.74 -2.03
C ALA A 281 6.64 0.67 -0.91
N TRP A 282 5.58 1.47 -1.00
CA TRP A 282 4.43 1.23 -0.13
C TRP A 282 3.50 0.17 -0.69
N GLY A 283 3.31 0.17 -2.02
CA GLY A 283 2.23 -0.62 -2.61
C GLY A 283 2.40 -2.11 -2.42
N HIS A 284 3.60 -2.64 -2.68
CA HIS A 284 3.68 -4.09 -2.54
C HIS A 284 3.60 -4.51 -1.08
N PRO A 285 4.25 -3.81 -0.14
CA PRO A 285 3.99 -4.11 1.26
C PRO A 285 2.52 -4.03 1.63
N GLU A 286 1.76 -3.12 1.01
CA GLU A 286 0.31 -3.10 1.24
C GLU A 286 -0.37 -4.31 0.62
N VAL A 287 0.17 -4.83 -0.48
CA VAL A 287 -0.36 -6.06 -1.06
C VAL A 287 -0.19 -7.22 -0.09
N TYR A 288 0.99 -7.32 0.53
CA TYR A 288 1.17 -8.38 1.52
C TYR A 288 0.41 -8.10 2.81
N ILE A 289 0.14 -6.82 3.10
CA ILE A 289 -0.77 -6.47 4.19
C ILE A 289 -2.14 -7.01 3.93
N LEU A 290 -2.57 -7.02 2.67
CA LEU A 290 -3.87 -7.57 2.34
C LEU A 290 -3.87 -9.09 2.32
N ILE A 291 -2.77 -9.72 1.93
CA ILE A 291 -2.81 -11.16 1.72
C ILE A 291 -2.42 -11.97 2.96
N LEU A 292 -1.60 -11.44 3.87
CA LEU A 292 -1.19 -12.24 5.02
C LEU A 292 -2.35 -12.55 5.96
N PRO A 293 -3.19 -11.59 6.37
CA PRO A 293 -4.31 -11.94 7.25
C PRO A 293 -5.24 -12.99 6.67
N VAL A 294 -5.49 -12.98 5.36
CA VAL A 294 -6.32 -14.05 4.81
C VAL A 294 -5.55 -15.35 4.69
N PHE A 295 -4.21 -15.30 4.70
CA PHE A 295 -3.45 -16.53 4.85
C PHE A 295 -3.68 -17.12 6.24
N GLY A 296 -3.71 -16.28 7.27
CA GLY A 296 -4.05 -16.76 8.60
C GLY A 296 -5.48 -17.27 8.67
N VAL A 297 -6.41 -16.57 7.99
CA VAL A 297 -7.80 -16.99 7.98
C VAL A 297 -7.94 -18.37 7.37
N PHE A 298 -7.26 -18.61 6.25
CA PHE A 298 -7.33 -19.92 5.62
C PHE A 298 -6.57 -20.98 6.39
N SER A 299 -5.51 -20.61 7.10
CA SER A 299 -4.85 -21.57 7.98
C SER A 299 -5.80 -22.03 9.08
N GLU A 300 -6.54 -21.09 9.68
CA GLU A 300 -7.47 -21.44 10.73
C GLU A 300 -8.65 -22.24 10.21
N ILE A 301 -9.17 -21.86 9.04
CA ILE A 301 -10.32 -22.57 8.48
C ILE A 301 -9.94 -23.96 8.04
N ALA A 302 -8.73 -24.15 7.50
CA ALA A 302 -8.32 -25.49 7.11
C ALA A 302 -8.06 -26.36 8.33
N ALA A 303 -7.37 -25.83 9.34
CA ALA A 303 -7.16 -26.60 10.57
C ALA A 303 -8.47 -26.94 11.25
N THR A 304 -9.47 -26.06 11.15
CA THR A 304 -10.74 -26.28 11.82
C THR A 304 -11.64 -27.26 11.07
N PHE A 305 -11.75 -27.10 9.75
CA PHE A 305 -12.67 -27.92 8.96
C PHE A 305 -12.00 -29.16 8.39
N SER A 306 -10.74 -29.41 8.72
CA SER A 306 -10.12 -30.69 8.44
C SER A 306 -10.00 -31.55 9.68
N ARG A 307 -10.49 -31.06 10.83
CA ARG A 307 -10.41 -31.74 12.12
C ARG A 307 -9.00 -32.29 12.34
N LYS A 308 -8.01 -31.55 11.90
CA LYS A 308 -6.61 -31.97 11.96
C LYS A 308 -5.76 -30.76 12.34
N ARG A 309 -4.68 -31.03 13.06
CA ARG A 309 -3.77 -29.98 13.46
C ARG A 309 -3.10 -29.35 12.25
N LEU A 310 -2.87 -28.04 12.33
CA LEU A 310 -2.23 -27.32 11.23
C LEU A 310 -0.83 -27.88 10.99
N PHE A 311 -0.55 -28.26 9.74
CA PHE A 311 0.60 -29.09 9.45
C PHE A 311 1.92 -28.41 9.82
N GLY A 312 2.14 -27.21 9.31
CA GLY A 312 3.48 -26.67 9.31
C GLY A 312 3.67 -25.44 10.16
N TYR A 313 3.10 -25.44 11.37
CA TYR A 313 3.00 -24.21 12.16
C TYR A 313 4.32 -23.46 12.21
N THR A 314 5.39 -24.13 12.61
CA THR A 314 6.70 -23.47 12.66
C THR A 314 7.13 -23.03 11.27
N SER A 315 6.95 -23.90 10.27
CA SER A 315 7.24 -23.50 8.89
C SER A 315 6.26 -22.45 8.39
N LEU A 316 5.00 -22.53 8.83
CA LEU A 316 3.98 -21.60 8.39
C LEU A 316 4.04 -20.27 9.14
N VAL A 317 4.86 -20.18 10.18
CA VAL A 317 5.06 -18.93 10.90
C VAL A 317 6.34 -18.30 10.38
N TRP A 318 7.36 -19.13 10.11
CA TRP A 318 8.59 -18.60 9.55
C TRP A 318 8.43 -18.18 8.10
N ALA A 319 7.54 -18.81 7.35
CA ALA A 319 7.25 -18.32 6.00
C ALA A 319 6.53 -16.98 6.05
N THR A 320 5.61 -16.81 7.01
CA THR A 320 4.94 -15.53 7.16
C THR A 320 5.94 -14.44 7.54
N VAL A 321 6.87 -14.75 8.45
CA VAL A 321 7.87 -13.76 8.84
C VAL A 321 8.81 -13.44 7.70
N CYS A 322 9.19 -14.45 6.89
CA CYS A 322 10.02 -14.18 5.72
C CYS A 322 9.29 -13.30 4.72
N ILE A 323 8.00 -13.54 4.52
CA ILE A 323 7.21 -12.67 3.65
C ILE A 323 7.18 -11.26 4.21
N THR A 324 7.07 -11.13 5.54
CA THR A 324 7.05 -9.81 6.16
C THR A 324 8.35 -9.06 5.92
N VAL A 325 9.48 -9.75 6.04
CA VAL A 325 10.76 -9.08 5.91
C VAL A 325 11.20 -8.94 4.45
N LEU A 326 10.77 -9.84 3.58
CA LEU A 326 11.21 -9.83 2.19
C LEU A 326 10.32 -8.99 1.28
N SER A 327 9.21 -8.46 1.80
CA SER A 327 8.31 -7.66 0.98
C SER A 327 8.77 -6.21 0.85
N PHE A 328 9.83 -5.81 1.55
CA PHE A 328 10.37 -4.47 1.42
C PHE A 328 11.56 -4.40 0.47
N ILE A 329 11.94 -5.51 -0.15
CA ILE A 329 13.06 -5.56 -1.10
C ILE A 329 12.59 -5.87 -2.50
N VAL A 330 11.30 -5.81 -2.77
CA VAL A 330 10.72 -6.31 -4.00
C VAL A 330 10.16 -5.22 -4.90
N TRP A 331 9.88 -4.03 -4.36
CA TRP A 331 8.89 -3.13 -4.96
C TRP A 331 9.23 -2.74 -6.39
N LEU A 332 10.51 -2.68 -6.76
CA LEU A 332 10.84 -2.24 -8.11
C LEU A 332 10.25 -3.15 -9.18
N HIS A 333 9.86 -4.37 -8.82
CA HIS A 333 9.22 -5.23 -9.80
C HIS A 333 7.90 -4.66 -10.32
N HIS A 334 7.47 -3.50 -9.84
CA HIS A 334 6.28 -2.83 -10.35
C HIS A 334 6.59 -1.84 -11.45
N PHE A 335 7.85 -1.45 -11.64
CA PHE A 335 8.22 -0.52 -12.69
C PHE A 335 9.48 -1.03 -13.39
N PHE A 336 9.45 -2.29 -13.81
CA PHE A 336 10.57 -2.86 -14.56
C PHE A 336 10.80 -2.10 -15.86
N THR A 337 9.73 -1.67 -16.53
CA THR A 337 9.82 -0.98 -17.80
C THR A 337 10.14 0.49 -17.66
N MET A 338 10.47 0.96 -16.46
CA MET A 338 10.82 2.37 -16.29
C MET A 338 12.04 2.75 -17.11
N GLY A 339 12.96 1.81 -17.31
CA GLY A 339 14.17 2.08 -18.07
C GLY A 339 15.41 1.88 -17.23
N ALA A 340 15.24 1.26 -16.06
CA ALA A 340 16.35 1.02 -15.16
C ALA A 340 17.30 -0.02 -15.75
N GLY A 341 18.49 -0.08 -15.18
CA GLY A 341 19.50 -1.01 -15.68
C GLY A 341 19.13 -2.45 -15.43
N ALA A 342 19.88 -3.35 -16.08
CA ALA A 342 19.65 -4.77 -15.90
C ALA A 342 19.93 -5.21 -14.47
N ASN A 343 20.92 -4.61 -13.82
CA ASN A 343 21.32 -5.07 -12.49
C ASN A 343 20.19 -4.89 -11.48
N VAL A 344 19.58 -3.70 -11.44
CA VAL A 344 18.52 -3.47 -10.47
C VAL A 344 17.28 -4.28 -10.85
N ASN A 345 16.95 -4.35 -12.14
CA ASN A 345 15.80 -5.12 -12.57
C ASN A 345 15.99 -6.60 -12.26
N ALA A 346 17.18 -7.14 -12.55
CA ALA A 346 17.44 -8.54 -12.24
C ALA A 346 17.41 -8.80 -10.74
N PHE A 347 17.99 -7.89 -9.95
CA PHE A 347 17.98 -8.06 -8.50
C PHE A 347 16.57 -8.09 -7.95
N PHE A 348 15.72 -7.15 -8.38
CA PHE A 348 14.38 -7.10 -7.84
C PHE A 348 13.50 -8.21 -8.39
N GLY A 349 13.76 -8.68 -9.62
CA GLY A 349 13.05 -9.85 -10.11
C GLY A 349 13.42 -11.10 -9.33
N ILE A 350 14.70 -11.25 -9.02
CA ILE A 350 15.14 -12.39 -8.21
C ILE A 350 14.53 -12.31 -6.82
N THR A 351 14.45 -11.11 -6.24
CA THR A 351 13.81 -10.96 -4.94
C THR A 351 12.33 -11.31 -5.02
N THR A 352 11.65 -10.89 -6.10
CA THR A 352 10.25 -11.22 -6.27
C THR A 352 10.03 -12.72 -6.39
N MET A 353 10.94 -13.42 -7.06
CA MET A 353 10.83 -14.86 -7.17
C MET A 353 11.24 -15.57 -5.88
N ILE A 354 12.07 -14.95 -5.05
CA ILE A 354 12.43 -15.51 -3.76
C ILE A 354 11.35 -15.29 -2.71
N ILE A 355 10.48 -14.29 -2.91
CA ILE A 355 9.34 -14.09 -2.03
C ILE A 355 8.15 -14.95 -2.43
N ALA A 356 8.35 -15.85 -3.40
CA ALA A 356 7.34 -16.82 -3.77
C ALA A 356 7.55 -18.19 -3.14
N ILE A 357 8.76 -18.50 -2.68
CA ILE A 357 8.96 -19.74 -1.92
C ILE A 357 8.18 -19.76 -0.62
N PRO A 358 8.08 -18.67 0.19
CA PRO A 358 7.34 -18.80 1.45
C PRO A 358 5.85 -19.00 1.21
N THR A 359 5.30 -18.26 0.24
CA THR A 359 3.89 -18.43 -0.10
C THR A 359 3.60 -19.85 -0.58
N GLY A 360 4.49 -20.41 -1.40
CA GLY A 360 4.31 -21.79 -1.82
C GLY A 360 4.40 -22.77 -0.67
N VAL A 361 5.32 -22.52 0.26
CA VAL A 361 5.42 -23.35 1.45
C VAL A 361 4.12 -23.29 2.24
N LYS A 362 3.54 -22.09 2.37
CA LYS A 362 2.26 -21.96 3.07
C LYS A 362 1.16 -22.72 2.35
N ILE A 363 1.12 -22.63 1.02
CA ILE A 363 0.11 -23.35 0.25
C ILE A 363 0.23 -24.84 0.48
N PHE A 364 1.46 -25.37 0.43
CA PHE A 364 1.64 -26.80 0.61
C PHE A 364 1.37 -27.22 2.05
N ASN A 365 1.66 -26.36 3.03
CA ASN A 365 1.28 -26.66 4.41
C ASN A 365 -0.22 -26.79 4.55
N TRP A 366 -0.97 -25.89 3.91
CA TRP A 366 -2.43 -26.01 3.94
C TRP A 366 -2.89 -27.25 3.20
N LEU A 367 -2.23 -27.61 2.10
CA LEU A 367 -2.59 -28.83 1.38
C LEU A 367 -2.38 -30.06 2.25
N PHE A 368 -1.27 -30.12 2.96
CA PHE A 368 -0.99 -31.26 3.82
C PHE A 368 -1.79 -31.24 5.11
N THR A 369 -2.33 -30.08 5.49
CA THR A 369 -3.33 -30.05 6.57
C THR A 369 -4.59 -30.79 6.14
N MET A 370 -5.01 -30.61 4.89
CA MET A 370 -6.12 -31.38 4.36
C MET A 370 -5.76 -32.86 4.25
N TYR A 371 -4.48 -33.17 4.02
CA TYR A 371 -4.04 -34.55 3.90
C TYR A 371 -4.32 -35.32 5.19
N GLN A 372 -4.99 -36.47 5.05
CA GLN A 372 -5.33 -37.33 6.18
C GLN A 372 -6.17 -36.59 7.23
N GLY A 373 -7.17 -35.85 6.77
CA GLY A 373 -8.06 -35.14 7.67
C GLY A 373 -9.51 -35.37 7.29
N ARG A 374 -10.39 -35.04 8.25
CA ARG A 374 -11.84 -35.12 8.04
C ARG A 374 -12.30 -33.80 7.46
N ILE A 375 -12.15 -33.68 6.14
CA ILE A 375 -12.48 -32.44 5.45
C ILE A 375 -14.00 -32.32 5.31
N VAL A 376 -14.63 -31.55 6.19
CA VAL A 376 -16.03 -31.23 6.05
C VAL A 376 -16.18 -30.03 5.13
N PHE A 377 -17.03 -30.16 4.12
CA PHE A 377 -17.14 -29.13 3.09
C PHE A 377 -18.17 -28.08 3.49
N HIS A 378 -17.81 -27.33 4.52
CA HIS A 378 -18.54 -26.11 4.85
C HIS A 378 -18.24 -25.04 3.80
N SER A 379 -19.09 -24.01 3.77
CA SER A 379 -18.87 -22.92 2.84
C SER A 379 -17.47 -22.33 2.99
N ALA A 380 -17.00 -22.21 4.24
CA ALA A 380 -15.65 -21.69 4.48
C ALA A 380 -14.58 -22.59 3.90
N MET A 381 -14.75 -23.92 4.04
CA MET A 381 -13.77 -24.84 3.46
C MET A 381 -13.80 -24.82 1.94
N LEU A 382 -14.99 -24.64 1.35
CA LEU A 382 -15.06 -24.44 -0.09
C LEU A 382 -14.30 -23.19 -0.50
N TRP A 383 -14.45 -22.10 0.26
CA TRP A 383 -13.68 -20.90 -0.01
C TRP A 383 -12.18 -21.16 0.09
N THR A 384 -11.77 -21.99 1.05
CA THR A 384 -10.34 -22.30 1.19
C THR A 384 -9.83 -23.09 0.00
N ILE A 385 -10.58 -24.09 -0.45
CA ILE A 385 -10.14 -24.88 -1.61
C ILE A 385 -10.10 -24.00 -2.85
N GLY A 386 -11.12 -23.17 -3.05
CA GLY A 386 -11.10 -22.25 -4.17
C GLY A 386 -9.96 -21.24 -4.09
N PHE A 387 -9.58 -20.86 -2.87
CA PHE A 387 -8.45 -19.96 -2.68
C PHE A 387 -7.16 -20.64 -3.08
N ILE A 388 -6.97 -21.90 -2.69
CA ILE A 388 -5.76 -22.59 -3.10
C ILE A 388 -5.71 -22.69 -4.63
N VAL A 389 -6.84 -23.07 -5.23
CA VAL A 389 -6.86 -23.31 -6.67
C VAL A 389 -6.62 -22.03 -7.45
N THR A 390 -7.24 -20.92 -7.04
CA THR A 390 -7.11 -19.67 -7.77
C THR A 390 -5.82 -18.92 -7.43
N PHE A 391 -5.45 -18.87 -6.16
CA PHE A 391 -4.24 -18.16 -5.76
C PHE A 391 -2.98 -18.85 -6.27
N SER A 392 -2.99 -20.17 -6.45
CA SER A 392 -1.82 -20.79 -7.05
C SER A 392 -1.64 -20.31 -8.48
N VAL A 393 -2.73 -20.20 -9.25
CA VAL A 393 -2.64 -19.69 -10.61
C VAL A 393 -2.24 -18.22 -10.61
N GLY A 394 -2.84 -17.43 -9.72
CA GLY A 394 -2.52 -16.01 -9.69
C GLY A 394 -1.07 -15.74 -9.32
N GLY A 395 -0.54 -16.51 -8.37
CA GLY A 395 0.87 -16.38 -8.04
C GLY A 395 1.77 -16.89 -9.14
N MET A 396 1.38 -17.98 -9.81
CA MET A 396 2.17 -18.47 -10.94
C MET A 396 2.27 -17.40 -12.02
N THR A 397 1.16 -16.74 -12.33
CA THR A 397 1.21 -15.62 -13.27
C THR A 397 1.93 -14.43 -12.66
N GLY A 398 1.90 -14.29 -11.34
CA GLY A 398 2.65 -13.22 -10.72
C GLY A 398 4.14 -13.37 -10.87
N VAL A 399 4.64 -14.60 -10.77
CA VAL A 399 6.07 -14.84 -10.99
C VAL A 399 6.41 -14.86 -12.47
N LEU A 400 5.41 -14.98 -13.34
CA LEU A 400 5.65 -14.82 -14.76
C LEU A 400 5.89 -13.36 -15.11
N LEU A 401 5.27 -12.45 -14.37
CA LEU A 401 5.53 -11.02 -14.47
C LEU A 401 6.69 -10.58 -13.61
N ALA A 402 7.25 -11.47 -12.78
CA ALA A 402 8.37 -11.13 -11.93
C ALA A 402 9.70 -11.21 -12.65
N VAL A 403 9.79 -12.00 -13.70
CA VAL A 403 10.98 -12.02 -14.55
C VAL A 403 10.98 -10.70 -15.33
N PRO A 404 12.00 -9.86 -15.18
CA PRO A 404 12.01 -8.58 -15.90
C PRO A 404 11.92 -8.75 -17.40
N GLY A 405 12.51 -9.81 -17.95
CA GLY A 405 12.46 -10.02 -19.37
C GLY A 405 11.06 -10.23 -19.91
N ALA A 406 10.14 -10.69 -19.06
CA ALA A 406 8.75 -10.87 -19.46
C ALA A 406 7.85 -9.72 -19.02
N ASP A 407 8.21 -9.03 -17.93
CA ASP A 407 7.47 -7.83 -17.56
C ASP A 407 7.77 -6.68 -18.51
N PHE A 408 8.87 -6.73 -19.25
CA PHE A 408 9.12 -5.72 -20.27
C PHE A 408 8.04 -5.72 -21.33
N VAL A 409 7.36 -6.85 -21.52
CA VAL A 409 6.35 -7.01 -22.55
C VAL A 409 4.98 -7.31 -21.98
N LEU A 410 4.87 -7.53 -20.67
CA LEU A 410 3.58 -7.77 -20.04
C LEU A 410 3.30 -6.78 -18.90
N HIS A 411 3.96 -5.62 -18.90
CA HIS A 411 3.91 -4.75 -17.73
C HIS A 411 2.49 -4.28 -17.43
N ASN A 412 1.93 -3.43 -18.29
CA ASN A 412 0.60 -2.89 -18.10
C ASN A 412 -0.42 -3.44 -19.07
N SER A 413 -0.30 -4.72 -19.43
CA SER A 413 -1.31 -5.36 -20.23
C SER A 413 -2.48 -5.78 -19.36
N LEU A 414 -3.43 -6.50 -19.94
CA LEU A 414 -4.50 -7.11 -19.17
C LEU A 414 -4.04 -8.39 -18.50
N PHE A 415 -2.81 -8.81 -18.76
CA PHE A 415 -2.20 -9.91 -18.02
C PHE A 415 -1.83 -9.48 -16.61
N LEU A 416 -1.39 -8.24 -16.42
CA LEU A 416 -1.19 -7.72 -15.07
C LEU A 416 -2.52 -7.56 -14.34
N ILE A 417 -3.55 -7.07 -15.04
CA ILE A 417 -4.87 -6.96 -14.45
C ILE A 417 -5.36 -8.33 -14.01
N ALA A 418 -5.15 -9.34 -14.86
CA ALA A 418 -5.57 -10.68 -14.50
C ALA A 418 -4.74 -11.23 -13.35
N HIS A 419 -3.44 -10.94 -13.29
CA HIS A 419 -2.64 -11.41 -12.16
C HIS A 419 -3.17 -10.82 -10.86
N PHE A 420 -3.27 -9.49 -10.79
CA PHE A 420 -3.58 -8.91 -9.50
C PHE A 420 -5.04 -9.12 -9.14
N HIS A 421 -5.93 -9.25 -10.13
CA HIS A 421 -7.29 -9.60 -9.79
C HIS A 421 -7.41 -11.05 -9.35
N ASN A 422 -6.66 -11.96 -9.98
CA ASN A 422 -6.66 -13.34 -9.53
C ASN A 422 -6.19 -13.46 -8.10
N VAL A 423 -5.05 -12.83 -7.78
CA VAL A 423 -4.54 -12.96 -6.42
C VAL A 423 -5.43 -12.22 -5.44
N ILE A 424 -5.84 -10.99 -5.76
CA ILE A 424 -6.65 -10.22 -4.82
C ILE A 424 -7.97 -10.91 -4.55
N ILE A 425 -8.66 -11.39 -5.59
CA ILE A 425 -9.93 -12.06 -5.36
C ILE A 425 -9.70 -13.40 -4.67
N GLY A 426 -9.09 -14.35 -5.37
CA GLY A 426 -8.92 -15.69 -4.83
C GLY A 426 -8.11 -15.76 -3.56
N GLY A 427 -7.58 -14.62 -3.10
CA GLY A 427 -6.88 -14.47 -1.85
C GLY A 427 -7.75 -13.67 -0.90
N VAL A 428 -7.60 -12.35 -0.93
CA VAL A 428 -8.26 -11.49 0.04
C VAL A 428 -9.78 -11.67 0.01
N VAL A 429 -10.38 -11.69 -1.18
CA VAL A 429 -11.84 -11.71 -1.20
C VAL A 429 -12.35 -13.05 -0.71
N PHE A 430 -11.70 -14.14 -1.10
CA PHE A 430 -12.09 -15.45 -0.61
C PHE A 430 -11.87 -15.56 0.89
N GLY A 431 -10.76 -15.00 1.39
CA GLY A 431 -10.51 -15.04 2.82
C GLY A 431 -11.47 -14.19 3.62
N CYS A 432 -11.90 -13.06 3.06
CA CYS A 432 -12.83 -12.18 3.75
C CYS A 432 -14.27 -12.65 3.67
N PHE A 433 -14.58 -13.52 2.72
CA PHE A 433 -15.88 -14.20 2.75
C PHE A 433 -15.85 -15.48 3.57
N ALA A 434 -14.72 -16.18 3.60
CA ALA A 434 -14.57 -17.35 4.45
C ALA A 434 -14.47 -16.96 5.91
N GLY A 435 -13.91 -15.79 6.22
CA GLY A 435 -13.96 -15.29 7.58
C GLY A 435 -15.37 -14.88 7.98
N MET A 436 -16.09 -14.25 7.06
CA MET A 436 -17.49 -13.92 7.32
C MET A 436 -18.29 -15.18 7.66
N THR A 437 -18.16 -16.21 6.82
CA THR A 437 -18.88 -17.45 7.09
C THR A 437 -18.36 -18.14 8.35
N TYR A 438 -17.04 -18.10 8.56
CA TYR A 438 -16.42 -18.86 9.65
C TYR A 438 -16.63 -18.21 11.01
N TRP A 439 -16.60 -16.87 11.06
CA TRP A 439 -16.71 -16.16 12.32
C TRP A 439 -18.05 -15.44 12.48
N TRP A 440 -19.00 -15.69 11.60
CA TRP A 440 -20.36 -15.18 11.82
C TRP A 440 -20.97 -15.71 13.12
N PRO A 441 -20.86 -17.00 13.46
CA PRO A 441 -21.37 -17.42 14.79
C PRO A 441 -20.69 -16.72 15.94
N LYS A 442 -19.40 -16.40 15.82
CA LYS A 442 -18.66 -15.78 16.90
C LYS A 442 -18.86 -14.27 16.95
N ALA A 443 -19.64 -13.72 16.02
CA ALA A 443 -20.05 -12.32 16.09
C ALA A 443 -21.41 -12.24 15.40
N PHE A 444 -22.47 -12.06 16.21
CA PHE A 444 -23.85 -12.39 15.91
C PHE A 444 -24.05 -13.86 16.30
N GLY A 445 -25.14 -14.18 16.98
CA GLY A 445 -25.27 -15.51 17.53
C GLY A 445 -25.74 -16.59 16.57
N PHE A 446 -26.23 -16.22 15.40
CA PHE A 446 -26.69 -17.17 14.41
C PHE A 446 -25.58 -17.53 13.43
N LYS A 447 -25.85 -18.52 12.61
CA LYS A 447 -24.91 -19.02 11.62
C LYS A 447 -25.41 -18.70 10.22
N LEU A 448 -24.51 -18.29 9.34
CA LEU A 448 -24.88 -18.01 7.95
C LEU A 448 -25.47 -19.24 7.30
N ASN A 449 -26.43 -19.03 6.42
CA ASN A 449 -27.10 -20.12 5.73
C ASN A 449 -26.14 -20.81 4.78
N GLU A 450 -25.85 -22.08 5.05
CA GLU A 450 -24.84 -22.79 4.28
C GLU A 450 -25.29 -23.05 2.85
N THR A 451 -26.60 -23.08 2.60
CA THR A 451 -27.09 -23.33 1.25
C THR A 451 -26.74 -22.18 0.31
N TRP A 452 -27.05 -20.95 0.72
CA TRP A 452 -26.71 -19.80 -0.11
C TRP A 452 -25.23 -19.48 -0.07
N GLY A 453 -24.53 -19.90 0.99
CA GLY A 453 -23.09 -19.71 1.02
C GLY A 453 -22.37 -20.52 -0.03
N LYS A 454 -22.79 -21.77 -0.23
CA LYS A 454 -22.21 -22.59 -1.28
C LYS A 454 -22.54 -22.02 -2.66
N ARG A 455 -23.78 -21.58 -2.87
CA ARG A 455 -24.15 -21.00 -4.15
C ARG A 455 -23.34 -19.74 -4.45
N ALA A 456 -23.15 -18.90 -3.44
CA ALA A 456 -22.34 -17.70 -3.62
C ALA A 456 -20.90 -18.08 -4.00
N PHE A 457 -20.35 -19.10 -3.34
CA PHE A 457 -18.98 -19.52 -3.65
C PHE A 457 -18.88 -20.01 -5.09
N TRP A 458 -19.83 -20.85 -5.52
CA TRP A 458 -19.74 -21.39 -6.87
C TRP A 458 -19.94 -20.30 -7.92
N PHE A 459 -20.88 -19.39 -7.69
CA PHE A 459 -21.04 -18.28 -8.62
C PHE A 459 -19.78 -17.43 -8.67
N TRP A 460 -19.19 -17.13 -7.52
CA TRP A 460 -17.96 -16.33 -7.50
C TRP A 460 -16.84 -17.03 -8.25
N ILE A 461 -16.61 -18.31 -7.98
CA ILE A 461 -15.48 -19.01 -8.56
C ILE A 461 -15.67 -19.16 -10.07
N ILE A 462 -16.87 -19.51 -10.51
CA ILE A 462 -17.11 -19.68 -11.95
C ILE A 462 -17.03 -18.33 -12.66
N GLY A 463 -17.64 -17.29 -12.09
CA GLY A 463 -17.58 -15.99 -12.73
C GLY A 463 -16.17 -15.44 -12.82
N PHE A 464 -15.41 -15.57 -11.74
CA PHE A 464 -14.02 -15.13 -11.78
C PHE A 464 -13.22 -15.89 -12.81
N PHE A 465 -13.42 -17.22 -12.88
CA PHE A 465 -12.67 -17.99 -13.86
C PHE A 465 -13.11 -17.72 -15.30
N VAL A 466 -14.21 -17.01 -15.51
CA VAL A 466 -14.62 -16.60 -16.84
C VAL A 466 -14.71 -15.09 -16.96
N ALA A 467 -14.19 -14.35 -15.98
CA ALA A 467 -14.07 -12.90 -16.08
C ALA A 467 -12.63 -12.41 -16.14
N PHE A 468 -11.67 -13.22 -15.74
CA PHE A 468 -10.27 -12.82 -15.74
C PHE A 468 -9.33 -13.80 -16.41
N MET A 469 -9.71 -15.07 -16.56
CA MET A 469 -9.00 -15.93 -17.51
C MET A 469 -9.03 -15.35 -18.92
N PRO A 470 -10.14 -14.78 -19.42
CA PRO A 470 -10.06 -14.04 -20.69
C PRO A 470 -9.08 -12.90 -20.65
N LEU A 471 -8.91 -12.25 -19.49
CA LEU A 471 -7.97 -11.13 -19.40
C LEU A 471 -6.52 -11.58 -19.56
N TYR A 472 -6.18 -12.81 -19.18
CA TYR A 472 -4.84 -13.31 -19.49
C TYR A 472 -4.64 -13.42 -20.98
N ALA A 473 -5.66 -13.87 -21.72
CA ALA A 473 -5.55 -13.95 -23.17
C ALA A 473 -5.50 -12.57 -23.79
N LEU A 474 -6.24 -11.61 -23.23
CA LEU A 474 -6.19 -10.24 -23.74
C LEU A 474 -4.82 -9.62 -23.50
N GLY A 475 -4.20 -9.92 -22.37
CA GLY A 475 -2.86 -9.44 -22.10
C GLY A 475 -1.86 -10.06 -23.03
N PHE A 476 -2.06 -11.34 -23.36
CA PHE A 476 -1.22 -12.00 -24.35
C PHE A 476 -1.52 -11.50 -25.76
N MET A 477 -2.66 -10.87 -25.98
CA MET A 477 -3.02 -10.32 -27.28
C MET A 477 -2.56 -8.89 -27.47
N GLY A 478 -1.96 -8.29 -26.45
CA GLY A 478 -1.45 -6.94 -26.55
C GLY A 478 -2.37 -5.85 -26.07
N MET A 479 -3.49 -6.19 -25.45
CA MET A 479 -4.35 -5.17 -24.88
C MET A 479 -3.74 -4.62 -23.59
N THR A 480 -3.77 -3.30 -23.45
CA THR A 480 -3.25 -2.65 -22.26
C THR A 480 -4.40 -2.34 -21.31
N ARG A 481 -4.05 -1.76 -20.16
CA ARG A 481 -4.98 -1.72 -19.03
C ARG A 481 -6.20 -0.86 -19.35
N ARG A 482 -6.03 0.45 -19.37
CA ARG A 482 -7.15 1.36 -19.25
C ARG A 482 -7.67 1.83 -20.61
N LEU A 483 -8.09 0.89 -21.45
CA LEU A 483 -8.66 1.21 -22.76
C LEU A 483 -10.18 1.32 -22.60
N SER A 484 -10.73 2.49 -22.91
CA SER A 484 -12.17 2.71 -22.79
C SER A 484 -12.87 2.88 -24.13
N GLN A 485 -12.27 3.60 -25.08
CA GLN A 485 -12.90 3.89 -26.36
C GLN A 485 -12.11 3.24 -27.50
N GLN A 486 -12.85 2.67 -28.45
CA GLN A 486 -12.27 2.10 -29.66
C GLN A 486 -11.14 1.13 -29.32
N ILE A 487 -11.50 0.06 -28.60
CA ILE A 487 -10.48 -0.85 -28.10
C ILE A 487 -9.78 -1.56 -29.26
N ASP A 488 -10.47 -2.53 -29.86
CA ASP A 488 -10.06 -3.20 -31.08
C ASP A 488 -11.15 -4.21 -31.45
N PRO A 489 -11.32 -4.53 -32.73
CA PRO A 489 -12.21 -5.65 -33.07
C PRO A 489 -11.70 -6.99 -32.57
N GLN A 490 -10.38 -7.19 -32.51
CA GLN A 490 -9.83 -8.48 -32.10
C GLN A 490 -10.11 -8.77 -30.63
N PHE A 491 -10.27 -7.74 -29.81
CA PHE A 491 -10.44 -7.91 -28.37
C PHE A 491 -11.89 -8.13 -27.97
N HIS A 492 -12.81 -8.19 -28.93
CA HIS A 492 -14.22 -8.16 -28.58
C HIS A 492 -14.69 -9.46 -27.94
N THR A 493 -14.23 -10.60 -28.46
CA THR A 493 -14.71 -11.88 -27.95
C THR A 493 -14.31 -12.08 -26.49
N MET A 494 -13.04 -11.83 -26.16
CA MET A 494 -12.59 -12.01 -24.79
C MET A 494 -13.14 -10.95 -23.86
N LEU A 495 -13.40 -9.74 -24.35
CA LEU A 495 -14.02 -8.73 -23.52
C LEU A 495 -15.50 -9.03 -23.27
N MET A 496 -16.16 -9.72 -24.19
CA MET A 496 -17.54 -10.15 -23.97
C MET A 496 -17.61 -11.33 -23.03
N ILE A 497 -16.64 -12.24 -23.10
CA ILE A 497 -16.57 -13.32 -22.12
C ILE A 497 -16.28 -12.76 -20.74
N ALA A 498 -15.39 -11.76 -20.65
CA ALA A 498 -15.11 -11.12 -19.37
C ALA A 498 -16.34 -10.39 -18.83
N ALA A 499 -17.12 -9.77 -19.71
CA ALA A 499 -18.38 -9.15 -19.27
C ALA A 499 -19.34 -10.20 -18.73
N SER A 500 -19.45 -11.35 -19.38
CA SER A 500 -20.30 -12.41 -18.86
C SER A 500 -19.81 -12.90 -17.51
N GLY A 501 -18.48 -13.03 -17.34
CA GLY A 501 -17.94 -13.41 -16.06
C GLY A 501 -18.23 -12.39 -14.98
N ALA A 502 -18.17 -11.10 -15.34
CA ALA A 502 -18.51 -10.05 -14.38
C ALA A 502 -19.98 -10.14 -13.98
N VAL A 503 -20.85 -10.49 -14.94
CA VAL A 503 -22.26 -10.70 -14.60
C VAL A 503 -22.41 -11.87 -13.63
N LEU A 504 -21.66 -12.94 -13.85
CA LEU A 504 -21.71 -14.07 -12.93
C LEU A 504 -21.22 -13.68 -11.54
N ILE A 505 -20.17 -12.87 -11.47
CA ILE A 505 -19.72 -12.38 -10.16
C ILE A 505 -20.78 -11.49 -9.53
N ALA A 506 -21.53 -10.73 -10.34
CA ALA A 506 -22.65 -9.97 -9.81
C ALA A 506 -23.69 -10.89 -9.18
N LEU A 507 -24.01 -11.99 -9.87
CA LEU A 507 -24.93 -12.96 -9.29
C LEU A 507 -24.36 -13.56 -8.01
N GLY A 508 -23.04 -13.74 -7.94
CA GLY A 508 -22.43 -14.23 -6.71
C GLY A 508 -22.58 -13.26 -5.55
N ILE A 509 -22.31 -11.97 -5.80
CA ILE A 509 -22.50 -10.95 -4.79
C ILE A 509 -23.97 -10.91 -4.36
N LEU A 510 -24.89 -11.06 -5.30
CA LEU A 510 -26.31 -11.06 -4.97
C LEU A 510 -26.66 -12.27 -4.10
N CYS A 511 -26.07 -13.43 -4.41
CA CYS A 511 -26.29 -14.60 -3.57
C CYS A 511 -25.73 -14.40 -2.17
N LEU A 512 -24.62 -13.67 -2.05
CA LEU A 512 -24.09 -13.35 -0.73
C LEU A 512 -25.02 -12.42 0.04
N VAL A 513 -25.59 -11.43 -0.66
CA VAL A 513 -26.57 -10.56 -0.02
C VAL A 513 -27.78 -11.35 0.44
N ILE A 514 -28.26 -12.28 -0.39
CA ILE A 514 -29.39 -13.11 -0.02
C ILE A 514 -29.03 -14.00 1.16
N GLN A 515 -27.80 -14.49 1.21
CA GLN A 515 -27.37 -15.27 2.36
C GLN A 515 -27.38 -14.43 3.63
N MET A 516 -26.94 -13.17 3.53
CA MET A 516 -27.00 -12.28 4.68
C MET A 516 -28.43 -11.99 5.09
N TYR A 517 -29.37 -12.02 4.14
CA TYR A 517 -30.78 -11.82 4.47
C TYR A 517 -31.48 -13.08 4.92
N VAL A 518 -31.25 -14.20 4.23
CA VAL A 518 -31.92 -15.44 4.61
C VAL A 518 -31.42 -15.95 5.96
N SER A 519 -30.20 -15.57 6.35
CA SER A 519 -29.69 -15.99 7.65
C SER A 519 -30.25 -15.14 8.78
N ILE A 520 -30.26 -13.81 8.59
CA ILE A 520 -30.85 -12.93 9.60
C ILE A 520 -32.33 -13.21 9.76
N ARG A 521 -33.02 -13.52 8.64
CA ARG A 521 -34.42 -13.90 8.73
C ARG A 521 -34.59 -15.18 9.54
N ASP A 522 -33.64 -16.10 9.42
CA ASP A 522 -33.63 -17.35 10.19
C ASP A 522 -32.66 -17.27 11.35
N ARG A 523 -32.52 -16.10 11.95
CA ARG A 523 -31.61 -15.93 13.07
C ARG A 523 -31.97 -16.83 14.24
N ASP A 524 -33.25 -17.20 14.35
CA ASP A 524 -33.71 -18.08 15.42
C ASP A 524 -33.84 -19.53 15.00
N GLN A 525 -34.06 -19.81 13.71
CA GLN A 525 -34.19 -21.18 13.23
C GLN A 525 -32.82 -21.75 12.87
N ASN A 526 -31.83 -21.26 13.62
CA ASN A 526 -30.48 -21.78 13.74
C ASN A 526 -29.79 -20.89 14.76
N ARG A 527 -28.73 -21.37 15.38
CA ARG A 527 -28.13 -20.64 16.50
C ARG A 527 -26.88 -21.38 16.96
N ASP A 528 -26.02 -20.69 17.70
CA ASP A 528 -24.81 -21.28 18.24
C ASP A 528 -24.90 -21.18 19.76
N LEU A 529 -25.64 -22.12 20.36
CA LEU A 529 -25.82 -22.11 21.80
C LEU A 529 -24.51 -22.36 22.52
N THR A 530 -23.73 -23.33 22.03
CA THR A 530 -22.49 -23.70 22.69
C THR A 530 -21.47 -22.56 22.67
N GLY A 531 -21.41 -21.83 21.56
CA GLY A 531 -20.32 -20.91 21.32
C GLY A 531 -19.16 -21.51 20.58
N ASP A 532 -19.20 -22.82 20.32
CA ASP A 532 -18.11 -23.54 19.66
C ASP A 532 -18.68 -24.36 18.51
N PRO A 533 -19.14 -23.70 17.45
CA PRO A 533 -19.63 -24.44 16.28
C PRO A 533 -18.49 -24.90 15.41
N TRP A 534 -18.79 -25.89 14.55
CA TRP A 534 -17.85 -26.40 13.56
C TRP A 534 -16.54 -26.80 14.21
N GLY A 535 -16.62 -27.64 15.23
CA GLY A 535 -15.48 -27.88 16.09
C GLY A 535 -14.85 -26.58 16.54
N GLY A 536 -13.58 -26.37 16.23
CA GLY A 536 -12.91 -25.14 16.63
C GLY A 536 -11.72 -25.39 17.54
N ARG A 537 -10.54 -24.96 17.11
CA ARG A 537 -9.32 -25.31 17.81
C ARG A 537 -8.67 -24.14 18.55
N THR A 538 -9.07 -22.91 18.28
CA THR A 538 -8.43 -21.75 18.87
C THR A 538 -9.26 -21.18 20.01
N LEU A 539 -8.70 -20.17 20.67
CA LEU A 539 -9.22 -19.66 21.93
C LEU A 539 -10.24 -18.56 21.73
N GLU A 540 -10.94 -18.60 20.59
CA GLU A 540 -12.05 -17.71 20.33
C GLU A 540 -13.40 -18.41 20.46
N TRP A 541 -13.42 -19.74 20.35
CA TRP A 541 -14.64 -20.52 20.45
C TRP A 541 -14.95 -20.94 21.87
N ALA A 542 -14.08 -20.63 22.82
CA ALA A 542 -14.34 -20.89 24.23
C ALA A 542 -15.37 -19.93 24.82
N THR A 543 -15.69 -18.86 24.10
CA THR A 543 -16.66 -17.88 24.56
C THR A 543 -18.05 -18.20 24.02
N SER A 544 -19.03 -17.38 24.38
CA SER A 544 -20.36 -17.52 23.82
C SER A 544 -20.39 -16.97 22.39
N SER A 545 -21.40 -17.38 21.64
CA SER A 545 -21.48 -16.99 20.23
C SER A 545 -21.58 -15.49 20.05
N PRO A 546 -22.45 -14.76 20.72
CA PRO A 546 -22.28 -13.31 20.83
C PRO A 546 -21.43 -12.99 22.04
N PRO A 547 -20.10 -13.07 21.91
CA PRO A 547 -19.24 -13.08 23.11
C PRO A 547 -19.47 -11.86 23.96
N PRO A 548 -19.30 -11.98 25.27
CA PRO A 548 -19.57 -10.84 26.15
C PRO A 548 -18.68 -9.65 25.81
N PHE A 549 -19.09 -8.48 26.30
CA PHE A 549 -18.35 -7.26 25.98
C PHE A 549 -16.91 -7.35 26.47
N TYR A 550 -16.68 -8.02 27.60
CA TYR A 550 -15.33 -8.31 28.05
C TYR A 550 -14.72 -9.50 27.33
N ASN A 551 -15.56 -10.39 26.78
CA ASN A 551 -15.18 -11.48 25.87
C ASN A 551 -14.41 -12.59 26.58
N PHE A 552 -14.01 -12.36 27.82
CA PHE A 552 -13.38 -13.39 28.65
C PHE A 552 -13.48 -12.96 30.12
N ALA A 553 -13.75 -13.93 30.99
CA ALA A 553 -13.82 -13.67 32.41
C ALA A 553 -12.68 -14.33 33.19
N VAL A 554 -11.80 -15.05 32.50
CA VAL A 554 -10.69 -15.71 33.16
C VAL A 554 -9.33 -15.41 32.55
N VAL A 555 -9.26 -14.94 31.30
CA VAL A 555 -7.99 -14.81 30.58
C VAL A 555 -7.27 -16.15 30.62
N PRO A 556 -7.71 -17.12 29.83
CA PRO A 556 -7.31 -18.52 30.06
C PRO A 556 -5.80 -18.72 30.00
N HIS A 557 -5.37 -19.85 30.56
CA HIS A 557 -3.94 -20.12 30.75
C HIS A 557 -3.27 -20.59 29.47
N VAL A 558 -4.02 -21.20 28.55
CA VAL A 558 -3.49 -21.65 27.27
C VAL A 558 -2.40 -22.68 27.48
N HIS A 559 -1.16 -22.22 27.62
CA HIS A 559 0.05 -23.01 27.86
C HIS A 559 0.28 -24.09 26.81
N GLU A 560 -0.44 -24.06 25.70
CA GLU A 560 -0.19 -24.97 24.58
C GLU A 560 -0.54 -24.23 23.28
N ARG A 561 -0.23 -24.88 22.15
CA ARG A 561 -0.35 -24.22 20.86
C ARG A 561 -1.80 -23.99 20.45
N ASP A 562 -2.57 -25.07 20.29
CA ASP A 562 -3.97 -24.91 19.89
C ASP A 562 -4.79 -24.23 20.97
N ALA A 563 -4.53 -24.58 22.23
CA ALA A 563 -5.17 -24.01 23.42
C ALA A 563 -6.54 -24.62 23.65
N PHE A 564 -7.55 -24.12 22.94
CA PHE A 564 -8.92 -24.57 23.19
C PHE A 564 -9.14 -26.01 22.74
N TRP A 565 -8.51 -26.43 21.65
CA TRP A 565 -8.60 -27.83 21.25
C TRP A 565 -7.99 -28.74 22.31
N GLU A 566 -6.88 -28.31 22.90
CA GLU A 566 -6.26 -29.09 23.97
C GLU A 566 -7.22 -29.26 25.15
N MET A 567 -7.84 -28.17 25.59
CA MET A 567 -8.71 -28.25 26.75
C MET A 567 -10.01 -28.99 26.44
N LYS A 568 -10.45 -28.98 25.18
CA LYS A 568 -11.56 -29.84 24.80
C LYS A 568 -11.15 -31.30 24.82
N GLU A 569 -9.92 -31.60 24.40
CA GLU A 569 -9.45 -32.98 24.37
C GLU A 569 -9.28 -33.54 25.77
N LYS A 570 -8.67 -32.78 26.68
CA LYS A 570 -8.42 -33.26 28.04
C LYS A 570 -9.47 -32.80 29.03
N GLY A 571 -10.66 -32.44 28.55
CA GLY A 571 -11.81 -32.19 29.40
C GLY A 571 -11.98 -30.80 29.97
N GLU A 572 -10.89 -30.13 30.35
CA GLU A 572 -10.97 -28.86 31.06
C GLU A 572 -11.36 -27.72 30.12
N ALA A 573 -12.49 -27.90 29.44
CA ALA A 573 -12.96 -26.92 28.47
C ALA A 573 -13.97 -25.96 29.09
N TYR A 574 -15.08 -26.49 29.59
CA TYR A 574 -16.17 -25.68 30.12
C TYR A 574 -16.24 -25.90 31.63
N LYS A 575 -15.51 -25.07 32.37
CA LYS A 575 -15.44 -25.13 33.83
C LYS A 575 -15.96 -23.82 34.39
N LYS A 576 -17.01 -23.90 35.22
CA LYS A 576 -17.44 -22.76 36.03
C LYS A 576 -16.24 -22.24 36.82
N PRO A 577 -15.73 -21.05 36.49
CA PRO A 577 -14.50 -20.59 37.17
C PRO A 577 -14.67 -20.38 38.65
N ASP A 578 -15.74 -19.68 39.05
CA ASP A 578 -16.18 -19.43 40.42
C ASP A 578 -16.08 -17.95 40.76
N HIS A 579 -15.10 -17.55 41.56
CA HIS A 579 -14.94 -16.15 41.90
C HIS A 579 -14.59 -15.37 40.65
N TYR A 580 -15.43 -14.42 40.28
CA TYR A 580 -15.19 -13.54 39.14
C TYR A 580 -14.75 -12.19 39.70
N GLU A 581 -13.52 -11.80 39.40
CA GLU A 581 -13.01 -10.52 39.85
C GLU A 581 -13.50 -9.41 38.92
N GLU A 582 -13.64 -8.21 39.48
CA GLU A 582 -13.96 -7.05 38.66
C GLU A 582 -12.84 -6.80 37.67
N ILE A 583 -13.22 -6.51 36.43
CA ILE A 583 -12.27 -6.25 35.36
C ILE A 583 -12.62 -4.91 34.72
N HIS A 584 -11.62 -4.07 34.53
CA HIS A 584 -11.87 -2.74 33.99
C HIS A 584 -11.98 -2.83 32.47
N MET A 585 -13.08 -2.33 31.93
CA MET A 585 -13.28 -2.28 30.50
C MET A 585 -13.31 -0.83 30.05
N PRO A 586 -12.72 -0.52 28.89
CA PRO A 586 -12.72 0.87 28.42
C PRO A 586 -14.13 1.38 28.20
N LYS A 587 -14.33 2.66 28.50
CA LYS A 587 -15.64 3.29 28.37
C LYS A 587 -15.80 3.83 26.96
N ASN A 588 -16.97 3.58 26.39
CA ASN A 588 -17.26 4.07 25.04
C ASN A 588 -17.19 5.58 25.00
N SER A 589 -16.46 6.10 24.01
CA SER A 589 -16.28 7.53 23.84
C SER A 589 -16.60 7.91 22.41
N GLY A 590 -17.43 8.93 22.22
CA GLY A 590 -17.76 9.41 20.90
C GLY A 590 -16.77 10.37 20.31
N ALA A 591 -15.65 10.59 21.00
CA ALA A 591 -14.64 11.52 20.51
C ALA A 591 -14.01 11.04 19.21
N GLY A 592 -14.13 9.76 18.89
CA GLY A 592 -13.69 9.28 17.59
C GLY A 592 -14.51 9.85 16.45
N ILE A 593 -15.82 10.01 16.67
CA ILE A 593 -16.69 10.49 15.59
C ILE A 593 -16.40 11.95 15.27
N VAL A 594 -16.28 12.80 16.30
CA VAL A 594 -16.09 14.23 16.05
C VAL A 594 -14.73 14.48 15.43
N ILE A 595 -13.69 13.81 15.92
CA ILE A 595 -12.36 13.98 15.34
C ILE A 595 -12.37 13.57 13.88
N ALA A 596 -13.04 12.46 13.56
CA ALA A 596 -13.22 12.10 12.16
C ALA A 596 -14.12 13.11 11.45
N ALA A 597 -15.17 13.60 12.13
CA ALA A 597 -16.09 14.51 11.46
C ALA A 597 -15.39 15.80 11.06
N PHE A 598 -14.59 16.37 11.96
CA PHE A 598 -13.78 17.53 11.58
C PHE A 598 -12.80 17.15 10.48
N SER A 599 -12.32 15.91 10.48
CA SER A 599 -11.50 15.43 9.38
C SER A 599 -12.29 15.49 8.08
N THR A 600 -13.56 15.07 8.11
CA THR A 600 -14.40 15.22 6.93
C THR A 600 -14.59 16.70 6.60
N ILE A 601 -14.66 17.54 7.63
CA ILE A 601 -14.65 18.98 7.41
C ILE A 601 -13.29 19.41 6.90
N PHE A 602 -12.22 18.82 7.42
CA PHE A 602 -10.89 19.20 6.97
C PHE A 602 -10.61 18.73 5.55
N GLY A 603 -11.03 17.51 5.22
CA GLY A 603 -10.77 16.96 3.90
C GLY A 603 -11.57 17.65 2.82
N PHE A 604 -12.89 17.77 3.01
CA PHE A 604 -13.73 18.43 2.04
C PHE A 604 -13.39 19.90 1.88
N ALA A 605 -12.82 20.52 2.90
CA ALA A 605 -12.36 21.90 2.80
C ALA A 605 -10.93 22.01 2.31
N MET A 606 -10.26 20.89 2.11
CA MET A 606 -8.96 20.88 1.45
C MET A 606 -9.05 20.45 -0.01
N ILE A 607 -9.97 19.55 -0.33
CA ILE A 607 -10.20 19.19 -1.73
C ILE A 607 -10.74 20.39 -2.49
N TRP A 608 -11.81 20.98 -1.99
CA TRP A 608 -12.24 22.29 -2.45
C TRP A 608 -11.58 23.35 -1.59
N HIS A 609 -11.14 24.43 -2.22
CA HIS A 609 -10.19 25.34 -1.57
C HIS A 609 -10.88 26.33 -0.63
N ILE A 610 -11.70 25.80 0.28
CA ILE A 610 -12.26 26.60 1.36
C ILE A 610 -11.29 26.55 2.54
N TRP A 611 -10.29 27.43 2.53
CA TRP A 611 -9.26 27.40 3.57
C TRP A 611 -9.82 27.76 4.94
N TRP A 612 -10.83 28.63 4.98
CA TRP A 612 -11.42 29.01 6.27
C TRP A 612 -12.04 27.80 6.97
N LEU A 613 -12.69 26.94 6.20
CA LEU A 613 -13.28 25.74 6.77
C LEU A 613 -12.23 24.69 7.08
N ALA A 614 -11.13 24.66 6.32
CA ALA A 614 -10.04 23.74 6.62
C ALA A 614 -9.29 24.17 7.88
N ILE A 615 -9.14 25.47 8.08
CA ILE A 615 -8.49 25.97 9.28
C ILE A 615 -9.29 25.58 10.52
N VAL A 616 -10.62 25.77 10.46
CA VAL A 616 -11.47 25.37 11.58
C VAL A 616 -11.78 23.88 11.56
N GLY A 617 -11.40 23.18 10.51
CA GLY A 617 -11.54 21.74 10.47
C GLY A 617 -10.31 21.05 11.02
N PHE A 618 -9.13 21.53 10.64
CA PHE A 618 -7.91 21.00 11.22
C PHE A 618 -7.80 21.37 12.70
N ALA A 619 -8.20 22.59 13.06
CA ALA A 619 -8.23 22.98 14.46
C ALA A 619 -9.39 22.36 15.22
N GLY A 620 -10.34 21.73 14.53
CA GLY A 620 -11.39 20.99 15.19
C GLY A 620 -10.93 19.62 15.61
N MET A 621 -10.07 19.01 14.79
CA MET A 621 -9.47 17.74 15.17
C MET A 621 -8.55 17.89 16.38
N ILE A 622 -7.77 18.97 16.41
CA ILE A 622 -6.78 19.13 17.47
C ILE A 622 -7.45 19.39 18.81
N ILE A 623 -8.41 20.32 18.85
CA ILE A 623 -9.00 20.69 20.12
C ILE A 623 -9.74 19.52 20.74
N THR A 624 -10.44 18.74 19.91
CA THR A 624 -11.09 17.53 20.42
C THR A 624 -10.06 16.55 20.96
N TRP A 625 -8.94 16.42 20.26
CA TRP A 625 -7.84 15.60 20.76
C TRP A 625 -7.33 16.14 22.09
N ILE A 626 -7.18 17.46 22.20
CA ILE A 626 -6.80 18.05 23.49
C ILE A 626 -7.87 17.79 24.54
N VAL A 627 -9.14 18.00 24.18
CA VAL A 627 -10.23 17.82 25.14
C VAL A 627 -10.30 16.37 25.60
N LYS A 628 -10.16 15.42 24.67
CA LYS A 628 -10.18 14.02 25.04
C LYS A 628 -8.97 13.65 25.89
N SER A 629 -7.86 14.36 25.76
CA SER A 629 -6.72 14.15 26.64
C SER A 629 -7.07 14.52 28.08
N PHE A 630 -7.82 15.61 28.27
CA PHE A 630 -8.21 16.02 29.61
C PHE A 630 -9.13 15.02 30.28
N ASP A 631 -9.86 14.22 29.50
CA ASP A 631 -10.83 13.29 30.05
C ASP A 631 -10.17 12.28 30.97
N GLU A 632 -10.74 12.09 32.16
CA GLU A 632 -10.18 11.17 33.14
C GLU A 632 -11.01 9.90 33.32
N ASP A 633 -12.28 9.90 32.96
CA ASP A 633 -13.11 8.69 32.99
C ASP A 633 -12.99 8.00 31.64
N VAL A 634 -12.09 7.01 31.57
CA VAL A 634 -11.78 6.36 30.31
C VAL A 634 -12.06 4.86 30.42
N ASP A 635 -12.30 4.40 31.64
CA ASP A 635 -12.56 2.98 31.88
C ASP A 635 -13.56 2.85 33.02
N TYR A 636 -14.34 1.77 32.97
CA TYR A 636 -15.30 1.44 34.02
C TYR A 636 -15.13 -0.02 34.39
N TYR A 637 -15.27 -0.32 35.69
CA TYR A 637 -15.27 -1.70 36.13
C TYR A 637 -16.67 -2.29 35.97
N VAL A 638 -16.75 -3.43 35.30
CA VAL A 638 -18.04 -4.12 35.17
C VAL A 638 -18.30 -4.89 36.46
N PRO A 639 -19.46 -4.70 37.07
CA PRO A 639 -19.73 -5.39 38.35
C PRO A 639 -19.72 -6.90 38.18
N VAL A 640 -19.27 -7.59 39.23
CA VAL A 640 -19.19 -9.04 39.19
C VAL A 640 -20.57 -9.68 39.06
N ALA A 641 -21.62 -8.95 39.43
CA ALA A 641 -22.97 -9.47 39.25
C ALA A 641 -23.29 -9.67 37.77
N GLU A 642 -22.91 -8.71 36.93
CA GLU A 642 -23.13 -8.85 35.49
C GLU A 642 -22.26 -9.96 34.90
N ILE A 643 -21.03 -10.09 35.39
CA ILE A 643 -20.16 -11.16 34.91
C ILE A 643 -20.75 -12.51 35.28
N GLU A 644 -21.35 -12.61 36.47
CA GLU A 644 -22.03 -13.84 36.87
C GLU A 644 -23.24 -14.11 35.98
N LYS A 645 -24.05 -13.07 35.75
CA LYS A 645 -25.26 -13.24 34.96
C LYS A 645 -24.94 -13.70 33.55
N LEU A 646 -23.94 -13.09 32.91
CA LEU A 646 -23.60 -13.48 31.55
C LEU A 646 -22.94 -14.85 31.51
N GLU A 647 -21.99 -15.10 32.40
CA GLU A 647 -21.28 -16.38 32.38
C GLU A 647 -22.21 -17.53 32.72
N ASN A 648 -23.09 -17.34 33.71
CA ASN A 648 -24.06 -18.39 34.03
C ASN A 648 -24.99 -18.64 32.85
N GLN A 649 -25.39 -17.57 32.15
CA GLN A 649 -26.23 -17.74 30.98
C GLN A 649 -25.53 -18.57 29.91
N HIS A 650 -24.24 -18.31 29.68
CA HIS A 650 -23.49 -19.10 28.71
C HIS A 650 -23.43 -20.56 29.11
N PHE A 651 -23.13 -20.84 30.39
CA PHE A 651 -23.05 -22.21 30.84
C PHE A 651 -24.42 -22.87 30.94
N ASP A 652 -25.50 -22.08 30.95
CA ASP A 652 -26.83 -22.66 30.85
C ASP A 652 -27.02 -23.36 29.50
N GLU A 653 -26.37 -22.82 28.48
CA GLU A 653 -26.50 -23.40 27.14
C GLU A 653 -25.44 -24.46 26.98
N ILE A 654 -24.30 -24.26 27.59
CA ILE A 654 -23.29 -25.33 27.51
C ILE A 654 -23.91 -26.56 28.15
N THR A 655 -24.53 -26.38 29.31
CA THR A 655 -25.10 -27.54 30.03
C THR A 655 -26.26 -28.12 29.26
N LYS A 656 -27.04 -27.28 28.60
CA LYS A 656 -28.26 -27.78 27.93
C LYS A 656 -27.77 -28.83 26.93
N ALA A 657 -26.62 -28.61 26.33
CA ALA A 657 -26.11 -29.66 25.42
C ALA A 657 -25.11 -30.56 26.15
N GLY A 658 -24.03 -30.95 25.49
CA GLY A 658 -23.08 -31.92 26.09
C GLY A 658 -22.40 -31.45 27.35
N LEU A 659 -21.91 -30.20 27.40
CA LEU A 659 -21.36 -29.59 28.65
C LEU A 659 -20.12 -30.26 29.25
N LYS A 660 -19.75 -29.87 30.47
CA LYS A 660 -18.59 -30.40 31.22
C LYS A 660 -18.66 -29.82 32.62
N SER B 23 -4.65 -17.38 -23.43
CA SER B 23 -3.36 -17.34 -24.12
C SER B 23 -3.53 -17.63 -25.60
N GLY B 24 -3.79 -16.58 -26.39
CA GLY B 24 -3.99 -16.73 -27.80
C GLY B 24 -2.78 -17.26 -28.54
N CYS B 25 -2.97 -18.34 -29.32
CA CYS B 25 -1.86 -18.91 -30.08
C CYS B 25 -1.38 -17.94 -31.16
N ASN B 26 -2.30 -17.27 -31.84
CA ASN B 26 -1.97 -16.30 -32.88
C ASN B 26 -2.04 -14.87 -32.36
N SER B 27 -1.71 -14.66 -31.09
CA SER B 27 -1.77 -13.35 -30.46
C SER B 27 -0.51 -12.56 -30.80
N ALA B 28 -0.28 -11.47 -30.08
CA ALA B 28 0.93 -10.68 -30.25
C ALA B 28 2.07 -11.19 -29.36
N LEU B 29 1.77 -11.47 -28.09
CA LEU B 29 2.78 -12.00 -27.19
C LEU B 29 3.26 -13.37 -27.64
N LEU B 30 2.32 -14.27 -27.95
CA LEU B 30 2.64 -15.56 -28.54
C LEU B 30 2.72 -15.39 -30.05
N ASP B 31 3.74 -16.00 -30.66
CA ASP B 31 4.08 -15.79 -32.06
C ASP B 31 4.44 -14.32 -32.28
N PRO B 32 5.50 -13.82 -31.65
CA PRO B 32 5.96 -12.47 -31.92
C PRO B 32 6.73 -12.41 -33.23
N LYS B 33 6.87 -11.20 -33.74
CA LYS B 33 7.55 -10.97 -35.01
C LYS B 33 8.87 -10.22 -34.83
N GLY B 34 9.43 -10.27 -33.63
CA GLY B 34 10.71 -9.65 -33.37
C GLY B 34 11.61 -10.56 -32.58
N GLN B 35 12.93 -10.40 -32.80
CA GLN B 35 13.89 -11.24 -32.10
C GLN B 35 13.85 -10.98 -30.60
N ILE B 36 13.78 -9.71 -30.20
CA ILE B 36 13.63 -9.39 -28.79
C ILE B 36 12.26 -9.77 -28.27
N GLY B 37 11.31 -10.06 -29.16
CA GLY B 37 10.02 -10.59 -28.78
C GLY B 37 10.01 -12.10 -28.78
N LEU B 38 10.73 -12.70 -29.73
CA LEU B 38 10.83 -14.16 -29.74
C LEU B 38 11.58 -14.67 -28.51
N GLU B 39 12.67 -14.01 -28.13
CA GLU B 39 13.37 -14.40 -26.90
C GLU B 39 12.48 -14.18 -25.70
N GLN B 40 11.65 -13.13 -25.74
CA GLN B 40 10.70 -12.85 -24.68
C GLN B 40 9.63 -13.92 -24.55
N ARG B 41 9.15 -14.44 -25.69
CA ARG B 41 8.15 -15.51 -25.65
C ARG B 41 8.77 -16.82 -25.20
N SER B 42 10.00 -17.10 -25.62
CA SER B 42 10.70 -18.27 -25.11
C SER B 42 10.86 -18.20 -23.60
N LEU B 43 11.24 -17.03 -23.09
CA LEU B 43 11.36 -16.84 -21.65
C LEU B 43 10.03 -17.02 -20.95
N ILE B 44 8.95 -16.47 -21.51
CA ILE B 44 7.63 -16.63 -20.91
C ILE B 44 7.25 -18.10 -20.84
N LEU B 45 7.46 -18.82 -21.95
CA LEU B 45 7.08 -20.23 -21.99
C LEU B 45 7.89 -21.06 -21.01
N THR B 46 9.20 -20.81 -20.92
CA THR B 46 10.01 -21.63 -20.03
C THR B 46 9.74 -21.30 -18.56
N ALA B 47 9.45 -20.03 -18.25
CA ALA B 47 9.06 -19.70 -16.89
C ALA B 47 7.71 -20.32 -16.53
N PHE B 48 6.76 -20.30 -17.48
CA PHE B 48 5.45 -20.91 -17.24
C PHE B 48 5.57 -22.41 -17.07
N GLY B 49 6.46 -23.05 -17.81
CA GLY B 49 6.69 -24.47 -17.68
C GLY B 49 7.37 -24.81 -16.36
N LEU B 50 8.32 -23.98 -15.95
CA LEU B 50 9.02 -24.23 -14.69
C LEU B 50 8.08 -24.21 -13.51
N MET B 51 7.01 -23.41 -13.56
CA MET B 51 6.07 -23.32 -12.45
C MET B 51 4.90 -24.29 -12.58
N LEU B 52 4.73 -24.92 -13.74
CA LEU B 52 3.67 -25.91 -13.87
C LEU B 52 3.97 -27.13 -13.01
N ILE B 53 5.22 -27.56 -12.95
CA ILE B 53 5.62 -28.76 -12.22
C ILE B 53 5.49 -28.54 -10.72
N VAL B 54 5.09 -27.33 -10.31
CA VAL B 54 4.84 -27.01 -8.91
C VAL B 54 3.39 -26.60 -8.68
N VAL B 55 2.89 -25.65 -9.48
CA VAL B 55 1.52 -25.18 -9.31
C VAL B 55 0.52 -26.28 -9.66
N ILE B 56 0.77 -27.01 -10.75
CA ILE B 56 -0.13 -28.10 -11.12
C ILE B 56 -0.21 -29.17 -10.04
N PRO B 57 0.90 -29.64 -9.46
CA PRO B 57 0.76 -30.51 -8.28
C PRO B 57 -0.03 -29.86 -7.15
N ALA B 58 0.10 -28.55 -6.96
CA ALA B 58 -0.63 -27.89 -5.89
C ALA B 58 -2.14 -28.01 -6.09
N ILE B 59 -2.62 -27.65 -7.28
CA ILE B 59 -4.06 -27.75 -7.57
C ILE B 59 -4.51 -29.20 -7.56
N LEU B 60 -3.72 -30.09 -8.16
CA LEU B 60 -4.08 -31.49 -8.22
C LEU B 60 -4.22 -32.09 -6.83
N MET B 61 -3.33 -31.72 -5.90
CA MET B 61 -3.46 -32.19 -4.53
C MET B 61 -4.57 -31.47 -3.78
N ALA B 62 -4.85 -30.21 -4.12
CA ALA B 62 -5.95 -29.50 -3.47
C ALA B 62 -7.27 -30.18 -3.76
N VAL B 63 -7.45 -30.69 -4.97
CA VAL B 63 -8.68 -31.42 -5.26
C VAL B 63 -8.58 -32.90 -4.85
N GLY B 64 -7.41 -33.51 -5.01
CA GLY B 64 -7.27 -34.93 -4.70
C GLY B 64 -7.42 -35.22 -3.21
N PHE B 65 -6.78 -34.41 -2.37
CA PHE B 65 -6.93 -34.61 -0.93
C PHE B 65 -8.36 -34.36 -0.50
N ALA B 66 -9.00 -33.35 -1.08
CA ALA B 66 -10.39 -33.05 -0.73
C ALA B 66 -11.31 -34.21 -1.07
N TRP B 67 -11.16 -34.79 -2.27
CA TRP B 67 -12.01 -35.91 -2.63
C TRP B 67 -11.65 -37.18 -1.87
N LYS B 68 -10.36 -37.50 -1.79
CA LYS B 68 -9.91 -38.75 -1.20
C LYS B 68 -10.25 -38.82 0.28
N TYR B 69 -9.98 -37.74 1.01
CA TYR B 69 -10.16 -37.80 2.45
C TYR B 69 -11.59 -37.43 2.85
N ARG B 70 -12.04 -36.25 2.44
CA ARG B 70 -13.44 -35.85 2.67
C ARG B 70 -13.82 -35.92 4.14
N ALA B 71 -15.11 -35.94 4.42
CA ALA B 71 -15.62 -36.30 5.72
C ALA B 71 -16.40 -37.60 5.72
N SER B 72 -16.88 -38.05 4.56
CA SER B 72 -17.61 -39.30 4.44
C SER B 72 -16.75 -40.47 3.97
N ASN B 73 -15.52 -40.21 3.52
CA ASN B 73 -14.63 -41.29 3.08
C ASN B 73 -13.98 -41.90 4.31
N LYS B 74 -14.76 -42.75 4.99
CA LYS B 74 -14.38 -43.26 6.31
C LYS B 74 -13.27 -44.30 6.26
N ASP B 75 -12.91 -44.80 5.07
CA ASP B 75 -11.84 -45.77 4.97
C ASP B 75 -10.47 -45.12 4.75
N ALA B 76 -10.41 -43.80 4.70
CA ALA B 76 -9.15 -43.10 4.55
C ALA B 76 -8.40 -43.08 5.87
N LYS B 77 -7.08 -42.85 5.78
CA LYS B 77 -6.22 -42.84 6.96
C LYS B 77 -6.42 -41.52 7.70
N TYR B 78 -7.53 -41.44 8.44
CA TYR B 78 -7.84 -40.23 9.20
C TYR B 78 -6.91 -40.11 10.40
N SER B 79 -5.77 -39.45 10.21
CA SER B 79 -4.78 -39.31 11.28
C SER B 79 -4.67 -37.85 11.68
N PRO B 80 -5.31 -37.44 12.78
CA PRO B 80 -5.16 -36.06 13.25
C PRO B 80 -3.85 -35.87 13.98
N ASN B 81 -3.65 -34.66 14.54
CA ASN B 81 -2.47 -34.29 15.31
C ASN B 81 -1.17 -34.75 14.66
N TRP B 82 -1.11 -34.73 13.33
CA TRP B 82 0.12 -35.02 12.61
C TRP B 82 0.62 -33.70 12.01
N SER B 83 1.32 -32.93 12.83
CA SER B 83 1.83 -31.64 12.38
C SER B 83 3.20 -31.74 11.72
N HIS B 84 4.23 -32.09 12.50
CA HIS B 84 5.59 -32.02 11.99
C HIS B 84 5.92 -33.23 11.14
N SER B 85 6.63 -32.99 10.05
CA SER B 85 7.18 -34.08 9.24
C SER B 85 8.44 -33.53 8.57
N ASN B 86 9.60 -33.84 9.16
CA ASN B 86 10.86 -33.40 8.57
C ASN B 86 11.03 -33.91 7.15
N LYS B 87 10.48 -35.08 6.85
CA LYS B 87 10.52 -35.60 5.48
C LYS B 87 9.71 -34.71 4.55
N VAL B 88 8.44 -34.45 4.91
CA VAL B 88 7.55 -33.72 4.02
C VAL B 88 7.99 -32.26 3.89
N GLU B 89 8.23 -31.59 5.02
CA GLU B 89 8.61 -30.19 4.97
C GLU B 89 9.90 -29.99 4.19
N ALA B 90 10.78 -31.00 4.17
CA ALA B 90 12.02 -30.88 3.42
C ALA B 90 11.75 -30.70 1.94
N VAL B 91 10.95 -31.59 1.34
CA VAL B 91 10.66 -31.45 -0.08
C VAL B 91 9.80 -30.21 -0.33
N VAL B 92 8.90 -29.89 0.60
CA VAL B 92 8.05 -28.72 0.46
C VAL B 92 8.88 -27.45 0.37
N TRP B 93 9.96 -27.37 1.15
CA TRP B 93 10.83 -26.20 1.07
C TRP B 93 11.77 -26.29 -0.13
N THR B 94 12.25 -27.48 -0.46
CA THR B 94 13.35 -27.58 -1.43
C THR B 94 12.86 -27.39 -2.85
N VAL B 95 11.74 -28.02 -3.24
CA VAL B 95 11.32 -27.96 -4.64
C VAL B 95 11.03 -26.54 -5.10
N PRO B 96 10.35 -25.67 -4.33
CA PRO B 96 10.30 -24.26 -4.77
C PRO B 96 11.65 -23.61 -4.76
N ILE B 97 12.54 -24.00 -3.82
CA ILE B 97 13.88 -23.45 -3.79
C ILE B 97 14.64 -23.79 -5.07
N LEU B 98 14.54 -25.04 -5.52
CA LEU B 98 15.24 -25.43 -6.75
C LEU B 98 14.64 -24.73 -7.96
N ILE B 99 13.31 -24.68 -8.04
CA ILE B 99 12.69 -24.03 -9.20
C ILE B 99 13.01 -22.54 -9.22
N ILE B 100 13.10 -21.91 -8.05
CA ILE B 100 13.40 -20.48 -7.99
C ILE B 100 14.87 -20.20 -8.23
N ILE B 101 15.77 -21.11 -7.81
CA ILE B 101 17.18 -20.92 -8.16
C ILE B 101 17.39 -21.04 -9.66
N PHE B 102 16.73 -22.01 -10.30
CA PHE B 102 16.89 -22.12 -11.75
C PHE B 102 16.24 -20.93 -12.45
N LEU B 103 15.07 -20.51 -11.98
CA LEU B 103 14.41 -19.35 -12.55
C LEU B 103 15.22 -18.08 -12.32
N ALA B 104 15.95 -18.00 -11.22
CA ALA B 104 16.76 -16.81 -10.94
C ALA B 104 17.98 -16.76 -11.84
N VAL B 105 18.63 -17.90 -12.07
CA VAL B 105 19.72 -17.92 -13.04
C VAL B 105 19.21 -17.49 -14.42
N LEU B 106 18.07 -18.06 -14.82
CA LEU B 106 17.47 -17.69 -16.11
C LEU B 106 17.08 -16.22 -16.14
N THR B 107 16.55 -15.70 -15.03
CA THR B 107 16.15 -14.31 -14.95
C THR B 107 17.35 -13.38 -15.08
N TRP B 108 18.44 -13.70 -14.41
CA TRP B 108 19.65 -12.88 -14.54
C TRP B 108 20.13 -12.88 -15.98
N LYS B 109 20.19 -14.06 -16.60
CA LYS B 109 20.66 -14.15 -17.99
C LYS B 109 19.77 -13.33 -18.91
N THR B 110 18.46 -13.54 -18.85
CA THR B 110 17.54 -12.90 -19.75
C THR B 110 17.31 -11.42 -19.44
N THR B 111 17.65 -10.98 -18.23
CA THR B 111 17.55 -9.56 -17.89
C THR B 111 18.79 -8.79 -18.33
N HIS B 112 19.96 -9.41 -18.26
CA HIS B 112 21.13 -8.79 -18.87
C HIS B 112 21.19 -9.03 -20.38
N ALA B 113 20.31 -9.85 -20.93
CA ALA B 113 20.28 -10.11 -22.36
C ALA B 113 19.15 -9.37 -23.08
N LEU B 114 17.96 -9.33 -22.50
CA LEU B 114 16.78 -8.76 -23.15
C LEU B 114 16.47 -7.35 -22.65
N GLU B 115 17.42 -6.69 -21.99
CA GLU B 115 17.18 -5.36 -21.49
C GLU B 115 17.04 -4.38 -22.66
N PRO B 116 16.20 -3.35 -22.51
CA PRO B 116 16.28 -2.20 -23.41
C PRO B 116 17.58 -1.45 -23.16
N SER B 117 18.03 -0.74 -24.19
CA SER B 117 19.33 -0.07 -24.31
C SER B 117 20.43 -1.08 -24.62
N LYS B 118 20.10 -2.34 -24.84
CA LYS B 118 21.08 -3.32 -25.31
C LYS B 118 21.22 -3.21 -26.82
N PRO B 119 22.43 -3.11 -27.35
CA PRO B 119 22.60 -2.72 -28.77
C PRO B 119 22.16 -3.78 -29.77
N LEU B 120 21.54 -4.85 -29.28
CA LEU B 120 20.82 -5.83 -30.10
C LEU B 120 21.72 -6.62 -31.04
N ALA B 121 23.05 -6.52 -30.88
CA ALA B 121 24.03 -7.43 -31.46
C ALA B 121 23.73 -7.90 -32.88
N HIS B 122 23.63 -6.97 -33.83
CA HIS B 122 23.34 -7.31 -35.22
C HIS B 122 24.40 -6.73 -36.12
N ASP B 123 24.43 -7.24 -37.36
CA ASP B 123 25.40 -6.81 -38.38
C ASP B 123 24.79 -5.80 -39.35
N GLU B 124 23.88 -4.96 -38.86
CA GLU B 124 23.29 -3.89 -39.65
C GLU B 124 23.29 -2.62 -38.80
N LYS B 125 23.27 -1.48 -39.49
CA LYS B 125 23.30 -0.21 -38.78
C LYS B 125 21.93 0.09 -38.22
N PRO B 126 21.78 0.23 -36.90
CA PRO B 126 20.47 0.51 -36.32
C PRO B 126 19.91 1.84 -36.82
N ILE B 127 18.64 1.84 -37.19
CA ILE B 127 17.94 3.05 -37.57
C ILE B 127 17.48 3.75 -36.29
N THR B 128 17.90 5.00 -36.11
CA THR B 128 17.54 5.77 -34.92
C THR B 128 16.19 6.44 -35.15
N ILE B 129 15.21 6.11 -34.33
CA ILE B 129 13.89 6.73 -34.40
C ILE B 129 13.63 7.37 -33.04
N GLU B 130 13.66 8.69 -33.00
CA GLU B 130 13.47 9.44 -31.75
C GLU B 130 11.97 9.58 -31.50
N VAL B 131 11.49 8.91 -30.49
CA VAL B 131 10.06 8.88 -30.15
C VAL B 131 9.76 9.95 -29.12
N VAL B 132 8.61 10.61 -29.29
CA VAL B 132 8.11 11.61 -28.34
C VAL B 132 6.62 11.35 -28.17
N SER B 133 6.22 10.86 -27.00
CA SER B 133 4.81 10.63 -26.72
C SER B 133 4.16 11.95 -26.35
N MET B 134 3.54 12.60 -27.33
CA MET B 134 2.88 13.86 -27.09
C MET B 134 1.49 13.61 -26.52
N ASP B 135 0.69 14.67 -26.44
CA ASP B 135 -0.59 14.56 -25.75
C ASP B 135 -1.58 13.75 -26.57
N TRP B 136 -1.59 12.44 -26.35
CA TRP B 136 -2.52 11.49 -26.95
C TRP B 136 -2.22 11.30 -28.43
N LYS B 137 -0.95 11.41 -28.77
CA LYS B 137 -0.44 11.06 -30.08
C LYS B 137 1.03 10.71 -29.93
N TRP B 138 1.57 10.04 -30.95
CA TRP B 138 2.98 9.68 -30.98
C TRP B 138 3.67 10.48 -32.08
N PHE B 139 4.85 11.00 -31.75
CA PHE B 139 5.67 11.72 -32.72
C PHE B 139 6.97 10.93 -32.92
N PHE B 140 7.38 10.79 -34.17
CA PHE B 140 8.59 10.06 -34.48
C PHE B 140 9.47 10.92 -35.37
N ILE B 141 10.75 11.01 -35.00
CA ILE B 141 11.70 11.90 -35.66
C ILE B 141 12.87 11.03 -36.09
N TYR B 142 13.04 10.86 -37.40
CA TYR B 142 14.19 10.14 -37.92
C TYR B 142 15.31 11.16 -38.13
N PRO B 143 16.24 11.31 -37.21
CA PRO B 143 17.27 12.36 -37.38
C PRO B 143 18.09 12.17 -38.63
N GLU B 144 18.47 10.93 -38.95
CA GLU B 144 19.28 10.67 -40.13
C GLU B 144 18.51 10.93 -41.41
N GLN B 145 17.23 10.51 -41.46
CA GLN B 145 16.41 10.73 -42.63
C GLN B 145 15.74 12.10 -42.65
N GLY B 146 15.71 12.81 -41.53
CA GLY B 146 15.06 14.11 -41.46
C GLY B 146 13.55 14.06 -41.39
N ILE B 147 12.95 12.88 -41.47
CA ILE B 147 11.50 12.71 -41.54
C ILE B 147 10.89 12.85 -40.15
N ALA B 148 9.62 13.23 -40.09
CA ALA B 148 8.87 13.22 -38.84
C ALA B 148 7.46 12.77 -39.16
N THR B 149 6.94 11.87 -38.33
CA THR B 149 5.65 11.25 -38.56
C THR B 149 4.84 11.30 -37.27
N VAL B 150 3.52 11.19 -37.41
CA VAL B 150 2.62 11.11 -36.27
C VAL B 150 1.87 9.78 -36.36
N ASN B 151 1.96 8.99 -35.29
CA ASN B 151 1.26 7.71 -35.18
C ASN B 151 1.61 6.76 -36.32
N GLU B 152 2.88 6.74 -36.72
CA GLU B 152 3.34 5.81 -37.75
C GLU B 152 4.86 5.77 -37.82
N ILE B 153 5.43 4.57 -37.84
CA ILE B 153 6.85 4.36 -38.02
C ILE B 153 7.06 3.38 -39.16
N ALA B 154 8.30 3.31 -39.63
CA ALA B 154 8.70 2.34 -40.62
C ALA B 154 10.18 2.06 -40.47
N PHE B 155 10.55 0.79 -40.56
CA PHE B 155 11.93 0.36 -40.47
C PHE B 155 12.11 -0.85 -41.36
N PRO B 156 13.31 -1.04 -41.91
CA PRO B 156 13.56 -2.20 -42.77
C PRO B 156 13.43 -3.49 -41.98
N ALA B 157 13.17 -4.58 -42.72
CA ALA B 157 13.02 -5.88 -42.11
C ALA B 157 14.39 -6.43 -41.73
N ASN B 158 14.48 -7.03 -40.54
CA ASN B 158 15.71 -7.60 -40.02
C ASN B 158 16.81 -6.55 -39.92
N THR B 159 16.40 -5.31 -39.66
CA THR B 159 17.30 -4.21 -39.41
C THR B 159 17.04 -3.67 -38.01
N PRO B 160 18.04 -3.55 -37.16
CA PRO B 160 17.81 -3.00 -35.82
C PRO B 160 17.25 -1.59 -35.90
N VAL B 161 16.35 -1.28 -34.98
CA VAL B 161 15.80 0.06 -34.83
C VAL B 161 16.05 0.50 -33.39
N TYR B 162 16.54 1.72 -33.25
CA TYR B 162 16.94 2.28 -31.96
C TYR B 162 16.02 3.43 -31.63
N PHE B 163 15.32 3.33 -30.51
CA PHE B 163 14.28 4.28 -30.13
C PHE B 163 14.77 5.12 -28.96
N LYS B 164 14.87 6.43 -29.18
CA LYS B 164 15.08 7.40 -28.12
C LYS B 164 13.71 7.87 -27.67
N VAL B 165 13.11 7.12 -26.75
CA VAL B 165 11.73 7.35 -26.34
C VAL B 165 11.72 8.38 -25.21
N THR B 166 10.96 9.45 -25.41
CA THR B 166 10.76 10.49 -24.42
C THR B 166 9.29 10.90 -24.47
N SER B 167 8.83 11.59 -23.42
CA SER B 167 7.46 12.09 -23.37
C SER B 167 7.48 13.61 -23.40
N ASN B 168 6.35 14.17 -23.83
CA ASN B 168 6.21 15.62 -23.87
C ASN B 168 5.27 16.16 -22.80
N SER B 169 4.26 15.39 -22.40
CA SER B 169 3.34 15.88 -21.38
C SER B 169 3.40 15.04 -20.11
N VAL B 170 3.12 13.75 -20.25
CA VAL B 170 3.00 12.84 -19.12
C VAL B 170 3.62 11.50 -19.51
N MET B 171 3.87 10.68 -18.49
CA MET B 171 4.49 9.38 -18.74
C MET B 171 3.59 8.53 -19.63
N ASN B 172 4.22 7.89 -20.62
CA ASN B 172 3.55 6.91 -21.47
C ASN B 172 4.40 5.65 -21.53
N SER B 173 4.03 4.69 -22.35
CA SER B 173 4.84 3.49 -22.52
C SER B 173 4.87 3.13 -24.00
N PHE B 174 6.01 3.37 -24.63
CA PHE B 174 6.19 2.90 -26.00
C PHE B 174 6.18 1.38 -26.01
N PHE B 175 5.34 0.81 -26.86
CA PHE B 175 5.06 -0.62 -26.81
C PHE B 175 4.60 -1.08 -28.18
N ILE B 176 5.36 -1.97 -28.80
CA ILE B 176 4.92 -2.68 -29.99
C ILE B 176 4.80 -4.15 -29.60
N PRO B 177 3.58 -4.61 -29.25
CA PRO B 177 3.46 -5.95 -28.65
C PRO B 177 4.00 -7.08 -29.51
N ARG B 178 3.84 -7.00 -30.83
CA ARG B 178 4.32 -8.07 -31.68
C ARG B 178 5.84 -8.09 -31.75
N LEU B 179 6.48 -6.92 -31.69
CA LEU B 179 7.93 -6.86 -31.70
C LEU B 179 8.54 -7.09 -30.33
N GLY B 180 7.75 -7.01 -29.27
CA GLY B 180 8.25 -7.33 -27.95
C GLY B 180 8.90 -6.16 -27.26
N SER B 181 8.80 -6.14 -25.93
CA SER B 181 9.46 -5.20 -25.05
C SER B 181 8.83 -3.82 -25.13
N GLN B 182 8.63 -3.19 -23.98
CA GLN B 182 8.10 -1.84 -23.89
C GLN B 182 9.03 -1.01 -23.03
N ILE B 183 8.99 0.31 -23.22
CA ILE B 183 9.81 1.23 -22.44
C ILE B 183 8.94 2.40 -22.02
N TYR B 184 9.36 3.08 -20.95
CA TYR B 184 8.60 4.19 -20.41
C TYR B 184 9.07 5.50 -21.01
N ALA B 185 8.12 6.31 -21.47
CA ALA B 185 8.39 7.64 -22.02
C ALA B 185 8.12 8.66 -20.93
N MET B 186 9.17 9.34 -20.48
CA MET B 186 9.06 10.36 -19.45
C MET B 186 9.55 11.69 -20.00
N ALA B 187 8.93 12.77 -19.53
CA ALA B 187 9.30 14.09 -19.97
C ALA B 187 10.66 14.47 -19.40
N GLY B 188 11.56 14.91 -20.27
CA GLY B 188 12.90 15.27 -19.85
C GLY B 188 13.86 14.13 -19.75
N MET B 189 13.41 12.90 -20.03
CA MET B 189 14.23 11.70 -19.87
C MET B 189 14.20 10.91 -21.17
N GLN B 190 15.39 10.57 -21.68
CA GLN B 190 15.51 9.75 -22.87
C GLN B 190 15.75 8.31 -22.46
N THR B 191 14.86 7.42 -22.87
CA THR B 191 15.01 5.99 -22.64
C THR B 191 15.38 5.31 -23.95
N ARG B 192 16.29 4.36 -23.89
CA ARG B 192 16.77 3.66 -25.07
C ARG B 192 16.01 2.34 -25.21
N LEU B 193 15.49 2.08 -26.41
CA LEU B 193 14.79 0.83 -26.68
C LEU B 193 15.24 0.30 -28.03
N HIS B 194 15.97 -0.81 -28.04
CA HIS B 194 16.34 -1.45 -29.29
C HIS B 194 15.32 -2.53 -29.62
N LEU B 195 14.74 -2.41 -30.82
CA LEU B 195 13.83 -3.41 -31.34
C LEU B 195 14.33 -3.88 -32.70
N ILE B 196 13.72 -4.96 -33.20
CA ILE B 196 14.03 -5.48 -34.52
C ILE B 196 12.86 -6.31 -34.99
N ALA B 197 12.60 -6.26 -36.29
CA ALA B 197 11.47 -6.97 -36.90
C ALA B 197 12.02 -8.08 -37.78
N ASN B 198 11.85 -9.33 -37.33
CA ASN B 198 12.33 -10.47 -38.10
C ASN B 198 11.47 -10.72 -39.33
N GLU B 199 10.22 -10.25 -39.33
CA GLU B 199 9.32 -10.47 -40.44
C GLU B 199 8.77 -9.14 -40.93
N PRO B 200 8.55 -8.98 -42.23
CA PRO B 200 7.91 -7.78 -42.73
C PRO B 200 6.42 -7.75 -42.42
N GLY B 201 5.86 -6.55 -42.42
CA GLY B 201 4.45 -6.39 -42.16
C GLY B 201 4.12 -5.23 -41.25
N THR B 202 2.84 -5.00 -41.00
CA THR B 202 2.38 -3.91 -40.16
C THR B 202 2.12 -4.44 -38.75
N TYR B 203 2.70 -3.77 -37.75
CA TYR B 203 2.59 -4.18 -36.36
C TYR B 203 1.93 -3.08 -35.56
N ASP B 204 0.92 -3.45 -34.76
CA ASP B 204 0.22 -2.46 -33.95
C ASP B 204 1.14 -1.92 -32.87
N GLY B 205 1.02 -0.61 -32.63
CA GLY B 205 1.72 0.02 -31.53
C GLY B 205 0.74 0.79 -30.67
N ILE B 206 1.08 0.89 -29.40
CA ILE B 206 0.17 1.48 -28.40
C ILE B 206 1.02 2.12 -27.32
N SER B 207 0.40 3.00 -26.54
CA SER B 207 0.94 3.42 -25.27
C SER B 207 0.42 2.47 -24.20
N ALA B 208 1.33 1.88 -23.42
CA ALA B 208 0.91 0.94 -22.38
C ALA B 208 0.77 1.60 -21.03
N SER B 209 1.06 2.90 -20.91
CA SER B 209 0.89 3.63 -19.66
C SER B 209 -0.19 4.67 -19.87
N TYR B 210 -1.23 4.62 -19.04
CA TYR B 210 -2.35 5.55 -19.18
C TYR B 210 -1.88 6.98 -19.01
N SER B 211 -2.31 7.86 -19.91
CA SER B 211 -1.85 9.24 -19.93
C SER B 211 -2.96 10.27 -19.91
N GLY B 212 -4.22 9.89 -20.12
CA GLY B 212 -5.29 10.84 -20.09
C GLY B 212 -6.50 10.41 -20.88
N PRO B 213 -7.44 11.34 -21.12
CA PRO B 213 -8.66 10.98 -21.86
C PRO B 213 -8.38 10.41 -23.25
N GLY B 214 -7.34 10.87 -23.93
CA GLY B 214 -7.00 10.35 -25.24
C GLY B 214 -6.11 9.13 -25.24
N PHE B 215 -5.92 8.51 -24.07
CA PHE B 215 -4.99 7.37 -23.97
C PHE B 215 -5.41 6.23 -24.87
N SER B 216 -6.72 5.97 -24.99
CA SER B 216 -7.19 4.90 -25.85
C SER B 216 -6.92 5.17 -27.32
N GLY B 217 -6.57 6.40 -27.69
CA GLY B 217 -6.25 6.74 -29.06
C GLY B 217 -4.77 6.81 -29.38
N MET B 218 -3.90 6.45 -28.44
CA MET B 218 -2.46 6.51 -28.66
C MET B 218 -1.97 5.24 -29.37
N LYS B 219 -2.54 5.00 -30.53
CA LYS B 219 -2.20 3.84 -31.34
C LYS B 219 -1.44 4.29 -32.58
N PHE B 220 -0.31 3.65 -32.83
CA PHE B 220 0.48 3.88 -34.02
C PHE B 220 0.72 2.57 -34.74
N LYS B 221 1.15 2.68 -35.99
CA LYS B 221 1.44 1.52 -36.82
C LYS B 221 2.93 1.47 -37.09
N ALA B 222 3.47 0.25 -37.13
CA ALA B 222 4.89 0.02 -37.36
C ALA B 222 5.02 -0.81 -38.62
N ILE B 223 5.11 -0.15 -39.77
CA ILE B 223 5.19 -0.83 -41.06
C ILE B 223 6.63 -1.27 -41.25
N ALA B 224 6.92 -2.53 -40.93
CA ALA B 224 8.24 -3.11 -41.15
C ALA B 224 8.38 -3.40 -42.64
N THR B 225 9.02 -2.47 -43.35
CA THR B 225 9.15 -2.60 -44.78
C THR B 225 9.95 -3.84 -45.14
N PRO B 226 9.59 -4.53 -46.23
CA PRO B 226 10.30 -5.76 -46.58
C PRO B 226 11.79 -5.58 -46.77
N ASP B 227 12.22 -4.46 -47.34
CA ASP B 227 13.62 -4.21 -47.63
C ASP B 227 13.93 -2.74 -47.37
N ARG B 228 15.23 -2.42 -47.43
CA ARG B 228 15.65 -1.03 -47.29
C ARG B 228 15.11 -0.18 -48.42
N ALA B 229 14.85 -0.77 -49.58
CA ALA B 229 14.28 0.00 -50.69
C ALA B 229 12.86 0.45 -50.40
N ALA B 230 12.05 -0.40 -49.76
CA ALA B 230 10.70 0.01 -49.40
C ALA B 230 10.69 1.02 -48.26
N PHE B 231 11.71 1.02 -47.40
CA PHE B 231 11.84 2.06 -46.41
C PHE B 231 12.30 3.38 -47.02
N ASP B 232 13.13 3.32 -48.07
CA ASP B 232 13.44 4.54 -48.80
C ASP B 232 12.22 5.08 -49.53
N GLN B 233 11.37 4.19 -50.03
CA GLN B 233 10.11 4.63 -50.62
C GLN B 233 9.21 5.28 -49.58
N TRP B 234 9.16 4.72 -48.37
CA TRP B 234 8.33 5.30 -47.33
C TRP B 234 8.88 6.65 -46.88
N VAL B 235 10.20 6.79 -46.81
CA VAL B 235 10.80 8.07 -46.46
C VAL B 235 10.53 9.09 -47.55
N ALA B 236 10.70 8.71 -48.82
CA ALA B 236 10.46 9.63 -49.92
C ALA B 236 9.01 10.09 -49.94
N LYS B 237 8.07 9.19 -49.62
CA LYS B 237 6.67 9.61 -49.51
C LYS B 237 6.49 10.61 -48.39
N ALA B 238 7.20 10.41 -47.27
CA ALA B 238 7.12 11.36 -46.16
C ALA B 238 7.80 12.68 -46.51
N LYS B 239 8.83 12.66 -47.35
CA LYS B 239 9.47 13.90 -47.77
C LYS B 239 8.63 14.70 -48.73
N GLN B 240 7.53 14.14 -49.23
CA GLN B 240 6.61 14.87 -50.09
C GLN B 240 5.54 15.61 -49.29
N SER B 241 5.60 15.57 -47.97
CA SER B 241 4.63 16.28 -47.15
C SER B 241 4.87 17.78 -47.26
N PRO B 242 3.86 18.57 -47.63
CA PRO B 242 4.07 20.02 -47.75
C PRO B 242 4.47 20.66 -46.44
N ASN B 243 3.94 20.19 -45.32
CA ASN B 243 4.31 20.73 -44.02
C ASN B 243 5.67 20.19 -43.60
N THR B 244 6.41 21.02 -42.88
CA THR B 244 7.74 20.66 -42.43
C THR B 244 7.85 20.91 -40.92
N MET B 245 8.71 20.12 -40.29
CA MET B 245 8.92 20.20 -38.85
C MET B 245 10.10 21.12 -38.52
N SER B 246 10.03 22.36 -38.97
CA SER B 246 11.09 23.33 -38.74
C SER B 246 10.68 24.25 -37.60
N ASP B 247 11.60 24.42 -36.65
CA ASP B 247 11.47 25.32 -35.50
C ASP B 247 10.70 24.62 -34.39
N MET B 248 10.93 25.02 -33.15
CA MET B 248 10.23 24.41 -32.02
C MET B 248 8.81 24.93 -31.88
N ALA B 249 8.50 26.11 -32.42
CA ALA B 249 7.15 26.66 -32.30
C ALA B 249 6.14 25.79 -33.00
N ALA B 250 6.53 25.11 -34.09
CA ALA B 250 5.64 24.15 -34.73
C ALA B 250 5.32 23.00 -33.78
N PHE B 251 6.32 22.55 -33.01
CA PHE B 251 6.11 21.43 -32.10
C PHE B 251 4.99 21.74 -31.12
N GLU B 252 5.02 22.93 -30.52
CA GLU B 252 3.95 23.32 -29.61
C GLU B 252 2.60 23.33 -30.31
N LYS B 253 2.57 23.68 -31.60
CA LYS B 253 1.33 23.58 -32.35
C LYS B 253 0.89 22.13 -32.50
N LEU B 254 1.85 21.23 -32.75
CA LEU B 254 1.52 19.82 -32.85
C LEU B 254 1.26 19.19 -31.48
N ALA B 255 1.94 19.67 -30.45
CA ALA B 255 1.76 19.14 -29.10
C ALA B 255 0.46 19.60 -28.45
N ALA B 256 -0.38 20.34 -29.17
CA ALA B 256 -1.67 20.73 -28.63
C ALA B 256 -2.50 19.49 -28.36
N PRO B 257 -3.29 19.49 -27.28
CA PRO B 257 -4.06 18.28 -26.93
C PRO B 257 -5.06 17.91 -28.01
N SER B 258 -4.92 16.68 -28.53
CA SER B 258 -5.84 16.12 -29.50
C SER B 258 -5.85 14.62 -29.32
N GLU B 259 -7.04 14.02 -29.34
CA GLU B 259 -7.19 12.64 -28.92
C GLU B 259 -6.80 11.66 -30.03
N TYR B 260 -7.50 11.72 -31.16
CA TYR B 260 -7.32 10.75 -32.24
C TYR B 260 -6.75 11.47 -33.45
N ASN B 261 -5.43 11.37 -33.62
CA ASN B 261 -4.73 12.04 -34.71
C ASN B 261 -4.49 11.07 -35.86
N GLN B 262 -4.81 11.52 -37.07
CA GLN B 262 -4.49 10.73 -38.25
C GLN B 262 -2.99 10.79 -38.52
N VAL B 263 -2.52 9.84 -39.34
CA VAL B 263 -1.10 9.78 -39.67
C VAL B 263 -0.71 11.03 -40.46
N GLU B 264 0.32 11.73 -40.00
CA GLU B 264 0.77 12.96 -40.61
C GLU B 264 2.29 12.90 -40.75
N TYR B 265 2.79 13.30 -41.90
CA TYR B 265 4.22 13.28 -42.19
C TYR B 265 4.77 14.70 -42.24
N PHE B 266 6.06 14.83 -41.97
CA PHE B 266 6.75 16.11 -41.99
C PHE B 266 8.00 15.98 -42.84
N SER B 267 8.20 16.94 -43.76
CA SER B 267 9.25 16.87 -44.75
C SER B 267 10.64 16.81 -44.11
N ASN B 268 11.02 17.86 -43.39
CA ASN B 268 12.30 17.88 -42.69
C ASN B 268 12.10 18.45 -41.28
N VAL B 269 13.01 18.09 -40.40
CA VAL B 269 12.93 18.48 -39.00
C VAL B 269 14.09 19.41 -38.65
N LYS B 270 13.99 20.05 -37.50
CA LYS B 270 15.13 20.76 -36.95
C LYS B 270 16.24 19.76 -36.65
N PRO B 271 17.51 20.10 -36.93
CA PRO B 271 18.59 19.10 -36.80
C PRO B 271 18.62 18.40 -35.45
N ASP B 272 18.36 19.11 -34.36
CA ASP B 272 18.23 18.50 -33.03
C ASP B 272 16.90 18.98 -32.44
N LEU B 273 15.82 18.31 -32.83
CA LEU B 273 14.50 18.61 -32.29
C LEU B 273 14.18 17.76 -31.07
N PHE B 274 14.54 16.48 -31.12
CA PHE B 274 14.30 15.59 -30.00
C PHE B 274 15.06 16.04 -28.76
N ALA B 275 16.30 16.48 -28.93
CA ALA B 275 17.04 17.02 -27.80
C ALA B 275 16.38 18.27 -27.24
N ASP B 276 15.89 19.14 -28.12
CA ASP B 276 15.21 20.35 -27.67
C ASP B 276 13.86 20.06 -27.03
N VAL B 277 13.26 18.91 -27.30
CA VAL B 277 12.08 18.50 -26.56
C VAL B 277 12.45 18.15 -25.13
N ILE B 278 13.54 17.39 -24.96
CA ILE B 278 14.00 17.03 -23.63
C ILE B 278 14.47 18.25 -22.86
N ASN B 279 15.08 19.22 -23.54
CA ASN B 279 15.58 20.41 -22.87
C ASN B 279 14.49 21.41 -22.52
N LYS B 280 13.25 21.18 -22.97
CA LYS B 280 12.13 21.96 -22.45
C LYS B 280 11.96 21.72 -20.97
N PHE B 281 12.18 20.48 -20.52
CA PHE B 281 11.97 20.06 -19.14
C PHE B 281 13.28 20.04 -18.36
N MET B 282 14.31 19.38 -18.89
CA MET B 282 15.59 19.32 -18.22
C MET B 282 16.15 20.72 -17.97
N ALA B 283 15.99 21.62 -18.95
CA ALA B 283 16.42 23.01 -18.83
C ALA B 283 17.87 23.17 -18.40
N GLY C 22 -0.54 0.40 31.18
CA GLY C 22 0.38 1.47 31.51
C GLY C 22 1.58 1.53 30.58
N GLY C 23 2.41 0.50 30.63
CA GLY C 23 3.58 0.45 29.78
C GLY C 23 3.31 0.12 28.33
N THR C 24 2.09 -0.32 28.00
CA THR C 24 1.74 -0.55 26.61
C THR C 24 1.69 0.74 25.81
N LYS C 25 1.24 1.83 26.44
CA LYS C 25 1.17 3.11 25.74
C LYS C 25 2.57 3.58 25.34
N ILE C 26 3.56 3.39 26.21
CA ILE C 26 4.93 3.75 25.87
C ILE C 26 5.41 2.91 24.69
N PHE C 27 5.12 1.62 24.70
CA PHE C 27 5.52 0.75 23.59
C PHE C 27 4.79 1.12 22.30
N GLY C 28 3.51 1.42 22.40
CA GLY C 28 2.76 1.85 21.23
C GLY C 28 3.31 3.14 20.64
N PHE C 29 3.65 4.09 21.51
CA PHE C 29 4.25 5.32 21.00
C PHE C 29 5.64 5.07 20.44
N TRP C 30 6.38 4.11 21.00
CA TRP C 30 7.69 3.77 20.45
C TRP C 30 7.58 3.23 19.04
N ILE C 31 6.59 2.36 18.80
CA ILE C 31 6.46 1.85 17.44
C ILE C 31 5.83 2.88 16.50
N TYR C 32 5.04 3.81 17.02
CA TYR C 32 4.64 4.94 16.19
C TYR C 32 5.86 5.80 15.84
N LEU C 33 6.81 5.93 16.77
CA LEU C 33 8.05 6.62 16.46
C LEU C 33 8.84 5.87 15.40
N MET C 34 8.76 4.54 15.41
CA MET C 34 9.36 3.76 14.32
C MET C 34 8.68 4.06 12.99
N SER C 35 7.35 4.21 13.01
CA SER C 35 6.65 4.61 11.79
C SER C 35 7.11 5.99 11.32
N ASP C 36 7.28 6.92 12.26
CA ASP C 36 7.82 8.23 11.92
C ASP C 36 9.26 8.15 11.44
N CYS C 37 10.02 7.17 11.94
CA CYS C 37 11.35 6.91 11.39
C CYS C 37 11.25 6.53 9.91
N ILE C 38 10.27 5.69 9.58
CA ILE C 38 10.06 5.33 8.17
C ILE C 38 9.68 6.56 7.36
N LEU C 39 8.81 7.41 7.90
CA LEU C 39 8.38 8.62 7.20
C LEU C 39 9.57 9.55 6.94
N PHE C 40 10.39 9.76 7.97
CA PHE C 40 11.56 10.63 7.81
C PHE C 40 12.58 10.00 6.88
N SER C 41 12.69 8.67 6.87
CA SER C 41 13.59 8.02 5.93
C SER C 41 13.13 8.23 4.49
N ILE C 42 11.81 8.18 4.26
CA ILE C 42 11.29 8.48 2.94
C ILE C 42 11.61 9.91 2.55
N LEU C 43 11.44 10.84 3.49
CA LEU C 43 11.77 12.24 3.21
C LEU C 43 13.26 12.40 2.91
N PHE C 44 14.11 11.69 3.65
CA PHE C 44 15.54 11.76 3.42
C PHE C 44 15.92 11.21 2.06
N ALA C 45 15.30 10.11 1.64
CA ALA C 45 15.56 9.58 0.31
C ALA C 45 15.11 10.56 -0.76
N THR C 46 13.94 11.16 -0.57
CA THR C 46 13.46 12.16 -1.52
C THR C 46 14.44 13.32 -1.64
N TYR C 47 14.96 13.80 -0.50
CA TYR C 47 15.94 14.87 -0.54
C TYR C 47 17.22 14.44 -1.22
N ALA C 48 17.74 13.26 -0.85
CA ALA C 48 19.00 12.78 -1.39
C ALA C 48 18.93 12.57 -2.89
N VAL C 49 17.74 12.33 -3.43
CA VAL C 49 17.59 12.21 -4.86
C VAL C 49 17.35 13.56 -5.51
N LEU C 50 16.58 14.45 -4.87
CA LEU C 50 16.27 15.76 -5.42
C LEU C 50 17.29 16.82 -5.06
N VAL C 51 18.34 16.48 -4.30
CA VAL C 51 19.30 17.49 -3.86
C VAL C 51 20.02 18.12 -5.05
N ASN C 52 20.28 17.34 -6.09
CA ASN C 52 20.92 17.86 -7.30
C ASN C 52 19.95 18.53 -8.24
N GLY C 53 18.65 18.53 -7.92
CA GLY C 53 17.66 19.14 -8.78
C GLY C 53 17.54 20.63 -8.63
N THR C 54 18.66 21.33 -8.64
CA THR C 54 18.67 22.78 -8.54
C THR C 54 18.46 23.35 -9.93
N ALA C 55 17.23 23.77 -10.22
CA ALA C 55 16.88 24.26 -11.56
C ALA C 55 17.42 25.66 -11.78
N GLY C 56 18.74 25.79 -11.88
CA GLY C 56 19.34 27.10 -12.02
C GLY C 56 19.10 28.01 -10.84
N GLY C 57 18.94 27.43 -9.66
CA GLY C 57 18.73 28.19 -8.46
C GLY C 57 19.84 27.95 -7.45
N PRO C 58 19.55 28.13 -6.18
CA PRO C 58 20.56 27.87 -5.14
C PRO C 58 20.99 26.42 -5.13
N THR C 59 22.27 26.21 -4.89
CA THR C 59 22.84 24.86 -4.81
C THR C 59 22.84 24.32 -3.39
N GLY C 60 22.31 25.06 -2.43
CA GLY C 60 22.32 24.67 -1.03
C GLY C 60 23.54 25.16 -0.29
N LYS C 61 24.71 25.05 -0.90
CA LYS C 61 25.94 25.51 -0.26
C LYS C 61 25.88 27.00 0.03
N ASP C 62 25.22 27.78 -0.82
CA ASP C 62 25.20 29.23 -0.71
C ASP C 62 24.07 29.76 0.16
N ILE C 63 23.18 28.91 0.66
CA ILE C 63 22.01 29.36 1.41
C ILE C 63 21.88 28.70 2.77
N PHE C 64 22.68 27.68 3.10
CA PHE C 64 22.42 26.93 4.31
C PHE C 64 22.87 27.65 5.58
N GLU C 65 23.88 28.52 5.49
CA GLU C 65 24.31 29.35 6.61
C GLU C 65 24.58 28.50 7.84
N LEU C 66 25.65 27.71 7.74
CA LEU C 66 25.95 26.69 8.74
C LEU C 66 25.94 27.19 10.18
N PRO C 67 26.51 28.35 10.53
CA PRO C 67 26.41 28.80 11.92
C PRO C 67 24.97 28.92 12.40
N PHE C 68 24.06 29.40 11.56
CA PHE C 68 22.65 29.48 11.94
C PHE C 68 22.10 28.10 12.24
N VAL C 69 22.61 27.08 11.56
CA VAL C 69 22.23 25.71 11.89
C VAL C 69 22.83 25.30 13.23
N LEU C 70 24.09 25.67 13.48
CA LEU C 70 24.76 25.23 14.68
C LEU C 70 24.06 25.75 15.93
N VAL C 71 23.72 27.04 15.95
CA VAL C 71 22.96 27.56 17.09
C VAL C 71 21.61 26.85 17.18
N GLU C 72 21.03 26.48 16.04
CA GLU C 72 19.82 25.66 16.06
C GLU C 72 20.09 24.27 16.62
N THR C 73 21.23 23.66 16.28
CA THR C 73 21.40 22.24 16.58
C THR C 73 21.68 21.99 18.06
N PHE C 74 22.31 22.92 18.77
CA PHE C 74 22.37 22.84 20.22
C PHE C 74 21.34 23.76 20.87
N LEU C 75 20.33 24.18 20.12
CA LEU C 75 19.12 24.71 20.71
C LEU C 75 18.05 23.63 20.83
N LEU C 76 18.15 22.59 20.00
CA LEU C 76 17.35 21.38 20.16
C LEU C 76 18.11 20.28 20.89
N LEU C 77 19.44 20.40 21.00
CA LEU C 77 20.20 19.48 21.83
C LEU C 77 19.99 19.79 23.30
N PHE C 78 20.06 21.07 23.67
CA PHE C 78 19.76 21.47 25.04
C PHE C 78 18.33 21.09 25.43
N SER C 79 17.41 21.14 24.47
CA SER C 79 16.02 20.83 24.77
C SER C 79 15.85 19.37 25.18
N SER C 80 16.58 18.46 24.54
CA SER C 80 16.52 17.06 24.96
C SER C 80 17.09 16.89 26.37
N ILE C 81 18.14 17.63 26.70
CA ILE C 81 18.76 17.50 28.02
C ILE C 81 17.84 18.04 29.10
N THR C 82 17.17 19.17 28.85
CA THR C 82 16.26 19.69 29.85
C THR C 82 15.01 18.83 29.96
N TYR C 83 14.55 18.23 28.86
CA TYR C 83 13.46 17.26 29.00
C TYR C 83 13.93 16.03 29.77
N GLY C 84 15.19 15.64 29.62
CA GLY C 84 15.73 14.56 30.43
C GLY C 84 15.69 14.90 31.90
N MET C 85 16.11 16.12 32.23
CA MET C 85 15.98 16.59 33.61
C MET C 85 14.53 16.52 34.08
N ALA C 86 13.59 16.93 33.22
CA ALA C 86 12.18 16.85 33.59
C ALA C 86 11.75 15.42 33.86
N ALA C 87 12.22 14.48 33.03
CA ALA C 87 11.83 13.09 33.20
C ALA C 87 12.42 12.49 34.46
N ILE C 88 13.69 12.78 34.75
CA ILE C 88 14.30 12.26 35.97
C ILE C 88 13.70 12.92 37.21
N ALA C 89 13.16 14.13 37.07
CA ALA C 89 12.38 14.71 38.16
C ALA C 89 11.01 14.05 38.28
N MET C 90 10.47 13.57 37.16
CA MET C 90 9.22 12.82 37.21
C MET C 90 9.40 11.49 37.93
N TYR C 91 10.59 10.89 37.81
CA TYR C 91 10.90 9.72 38.62
C TYR C 91 10.81 10.05 40.11
N LYS C 92 11.25 11.24 40.50
CA LYS C 92 11.00 11.74 41.83
C LYS C 92 9.57 12.27 41.91
N ASN C 93 9.18 12.74 43.10
CA ASN C 93 7.81 13.18 43.31
C ASN C 93 7.60 14.67 43.11
N ASN C 94 8.68 15.44 42.91
CA ASN C 94 8.52 16.88 42.75
C ASN C 94 7.78 17.21 41.46
N LYS C 95 6.82 18.12 41.57
CA LYS C 95 6.08 18.62 40.43
C LYS C 95 6.55 19.98 39.95
N SER C 96 6.98 20.84 40.88
CA SER C 96 7.53 22.14 40.50
C SER C 96 8.75 21.97 39.60
N GLN C 97 9.62 21.02 39.92
CA GLN C 97 10.80 20.78 39.09
C GLN C 97 10.41 20.29 37.71
N VAL C 98 9.42 19.39 37.63
CA VAL C 98 8.98 18.90 36.33
C VAL C 98 8.36 20.01 35.51
N ILE C 99 7.61 20.91 36.14
CA ILE C 99 7.00 22.02 35.40
C ILE C 99 8.06 23.00 34.94
N SER C 100 9.04 23.29 35.79
CA SER C 100 10.11 24.21 35.41
C SER C 100 10.93 23.67 34.25
N TRP C 101 11.32 22.39 34.33
CA TRP C 101 12.10 21.81 33.24
C TRP C 101 11.28 21.68 31.97
N LEU C 102 9.98 21.39 32.09
CA LEU C 102 9.12 21.36 30.91
C LEU C 102 8.99 22.74 30.28
N ALA C 103 8.88 23.78 31.11
CA ALA C 103 8.83 25.14 30.58
C ALA C 103 10.13 25.51 29.88
N LEU C 104 11.27 25.12 30.45
CA LEU C 104 12.55 25.37 29.80
C LEU C 104 12.64 24.63 28.47
N THR C 105 12.18 23.37 28.44
CA THR C 105 12.18 22.61 27.20
C THR C 105 11.29 23.25 26.16
N TRP C 106 10.12 23.74 26.58
CA TRP C 106 9.20 24.39 25.65
C TRP C 106 9.79 25.70 25.13
N LEU C 107 10.50 26.44 26.00
CA LEU C 107 11.17 27.65 25.54
C LEU C 107 12.24 27.33 24.50
N PHE C 108 13.05 26.30 24.75
CA PHE C 108 14.08 25.92 23.79
C PHE C 108 13.45 25.44 22.48
N GLY C 109 12.38 24.66 22.55
CA GLY C 109 11.71 24.21 21.34
C GLY C 109 11.08 25.36 20.58
N ALA C 110 10.51 26.32 21.29
CA ALA C 110 9.91 27.48 20.65
C ALA C 110 10.98 28.34 19.97
N GLY C 111 12.14 28.48 20.63
CA GLY C 111 13.26 29.14 19.96
C GLY C 111 13.70 28.41 18.71
N PHE C 112 13.78 27.08 18.77
CA PHE C 112 14.14 26.30 17.59
C PHE C 112 13.15 26.52 16.45
N ILE C 113 11.86 26.44 16.75
CA ILE C 113 10.83 26.63 15.73
C ILE C 113 10.86 28.05 15.20
N GLY C 114 11.11 29.03 16.06
CA GLY C 114 11.21 30.40 15.62
C GLY C 114 12.38 30.60 14.67
N MET C 115 13.52 29.97 14.98
CA MET C 115 14.66 30.04 14.08
C MET C 115 14.35 29.35 12.74
N GLU C 116 13.61 28.24 12.79
CA GLU C 116 13.20 27.57 11.56
C GLU C 116 12.34 28.49 10.70
N ILE C 117 11.36 29.15 11.31
CA ILE C 117 10.52 30.09 10.56
C ILE C 117 11.35 31.26 10.05
N TYR C 118 12.29 31.75 10.87
CA TYR C 118 13.13 32.87 10.47
C TYR C 118 13.97 32.51 9.24
N GLU C 119 14.52 31.30 9.22
CA GLU C 119 15.25 30.85 8.04
C GLU C 119 14.31 30.72 6.85
N PHE C 120 13.11 30.15 7.07
CA PHE C 120 12.15 30.05 5.99
C PHE C 120 11.67 31.42 5.53
N HIS C 121 11.45 32.34 6.46
CA HIS C 121 10.98 33.68 6.10
C HIS C 121 12.02 34.46 5.32
N HIS C 122 13.29 34.04 5.37
CA HIS C 122 14.32 34.63 4.53
C HIS C 122 14.61 33.76 3.31
N LEU C 123 13.78 32.76 3.06
CA LEU C 123 13.81 31.99 1.82
C LEU C 123 12.55 32.13 0.99
N ILE C 124 11.39 32.24 1.63
CA ILE C 124 10.15 32.39 0.87
C ILE C 124 9.92 33.84 0.44
N VAL C 125 10.34 34.81 1.27
CA VAL C 125 10.26 36.21 0.86
C VAL C 125 11.13 36.45 -0.36
N ASN C 126 12.36 35.92 -0.36
CA ASN C 126 13.18 35.93 -1.56
C ASN C 126 12.62 34.94 -2.57
N GLY C 127 13.22 34.91 -3.75
CA GLY C 127 12.82 33.95 -4.76
C GLY C 127 13.47 32.60 -4.52
N MET C 128 13.30 32.08 -3.31
CA MET C 128 14.00 30.88 -2.86
C MET C 128 13.02 29.91 -2.18
N GLY C 129 11.74 30.01 -2.52
CA GLY C 129 10.73 29.24 -1.84
C GLY C 129 10.72 27.78 -2.25
N PRO C 130 9.74 27.03 -1.74
CA PRO C 130 9.65 25.61 -2.13
C PRO C 130 9.26 25.41 -3.57
N ASP C 131 8.67 26.41 -4.23
CA ASP C 131 8.35 26.33 -5.64
C ASP C 131 9.50 26.73 -6.54
N ARG C 132 10.61 27.19 -5.97
CA ARG C 132 11.72 27.65 -6.79
C ARG C 132 12.37 26.51 -7.55
N SER C 133 12.61 25.39 -6.89
CA SER C 133 13.29 24.26 -7.52
C SER C 133 12.91 22.98 -6.79
N GLY C 134 13.25 21.85 -7.40
CA GLY C 134 13.01 20.57 -6.76
C GLY C 134 13.84 20.39 -5.50
N PHE C 135 15.10 20.82 -5.53
CA PHE C 135 15.95 20.73 -4.35
C PHE C 135 15.39 21.56 -3.21
N LEU C 136 14.97 22.79 -3.50
CA LEU C 136 14.39 23.63 -2.45
C LEU C 136 13.07 23.05 -1.96
N SER C 137 12.29 22.41 -2.85
CA SER C 137 11.06 21.78 -2.41
C SER C 137 11.34 20.62 -1.45
N ALA C 138 12.35 19.81 -1.77
CA ALA C 138 12.65 18.66 -0.92
C ALA C 138 13.28 19.09 0.40
N PHE C 139 14.12 20.13 0.37
CA PHE C 139 14.67 20.67 1.62
C PHE C 139 13.57 21.27 2.47
N PHE C 140 12.66 22.04 1.86
CA PHE C 140 11.54 22.59 2.61
C PHE C 140 10.66 21.49 3.16
N ALA C 141 10.44 20.41 2.43
CA ALA C 141 9.59 19.36 2.94
C ALA C 141 10.25 18.61 4.10
N LEU C 142 11.52 18.25 3.97
CA LEU C 142 12.19 17.53 5.04
C LEU C 142 12.28 18.38 6.30
N VAL C 143 12.80 19.60 6.17
CA VAL C 143 12.98 20.44 7.35
C VAL C 143 11.64 20.93 7.90
N GLY C 144 10.66 21.20 7.04
CA GLY C 144 9.35 21.59 7.52
C GLY C 144 8.60 20.46 8.19
N THR C 145 8.82 19.22 7.74
CA THR C 145 8.20 18.11 8.44
C THR C 145 8.86 17.89 9.80
N HIS C 146 10.18 18.05 9.88
CA HIS C 146 10.81 18.00 11.20
C HIS C 146 10.32 19.15 12.08
N GLY C 147 10.09 20.32 11.50
CA GLY C 147 9.59 21.45 12.27
C GLY C 147 8.14 21.30 12.68
N LEU C 148 7.34 20.64 11.84
CA LEU C 148 5.96 20.34 12.22
C LEU C 148 5.90 19.27 13.30
N HIS C 149 6.85 18.33 13.30
CA HIS C 149 6.92 17.40 14.42
C HIS C 149 7.35 18.11 15.70
N VAL C 150 8.30 19.04 15.60
CA VAL C 150 8.70 19.80 16.78
C VAL C 150 7.58 20.70 17.27
N THR C 151 6.77 21.24 16.35
CA THR C 151 5.64 22.07 16.75
C THR C 151 4.53 21.24 17.39
N SER C 152 4.27 20.05 16.84
CA SER C 152 3.38 19.12 17.51
C SER C 152 3.89 18.76 18.89
N GLY C 153 5.20 18.59 19.02
CA GLY C 153 5.78 18.35 20.33
C GLY C 153 5.64 19.52 21.28
N LEU C 154 5.73 20.74 20.76
CA LEU C 154 5.53 21.92 21.60
C LEU C 154 4.08 22.04 22.06
N ILE C 155 3.13 21.77 21.16
CA ILE C 155 1.72 21.81 21.56
C ILE C 155 1.42 20.71 22.58
N TRP C 156 1.98 19.51 22.35
CA TRP C 156 1.81 18.41 23.28
C TRP C 156 2.45 18.74 24.63
N MET C 157 3.62 19.37 24.62
CA MET C 157 4.27 19.74 25.87
C MET C 157 3.47 20.79 26.63
N ALA C 158 2.88 21.75 25.92
CA ALA C 158 2.03 22.74 26.58
C ALA C 158 0.80 22.09 27.20
N VAL C 159 0.14 21.21 26.44
CA VAL C 159 -1.03 20.51 26.97
C VAL C 159 -0.65 19.64 28.16
N LEU C 160 0.51 18.99 28.08
CA LEU C 160 0.96 18.14 29.18
C LEU C 160 1.30 18.96 30.41
N MET C 161 1.90 20.14 30.23
CA MET C 161 2.14 21.03 31.35
C MET C 161 0.83 21.47 31.99
N VAL C 162 -0.18 21.75 31.17
CA VAL C 162 -1.49 22.12 31.72
C VAL C 162 -2.06 20.96 32.53
N GLN C 163 -1.95 19.73 31.99
CA GLN C 163 -2.45 18.57 32.71
C GLN C 163 -1.70 18.36 34.02
N ILE C 164 -0.37 18.52 34.00
CA ILE C 164 0.42 18.35 35.22
C ILE C 164 0.02 19.37 36.26
N ALA C 165 -0.16 20.63 35.85
CA ALA C 165 -0.59 21.67 36.78
C ALA C 165 -1.96 21.35 37.34
N ARG C 166 -2.89 20.88 36.50
CA ARG C 166 -4.25 20.64 36.96
C ARG C 166 -4.34 19.37 37.81
N ARG C 167 -3.64 18.31 37.43
CA ARG C 167 -3.81 17.02 38.07
C ARG C 167 -2.58 16.48 38.78
N GLY C 168 -1.39 16.83 38.34
CA GLY C 168 -0.18 16.31 38.95
C GLY C 168 0.31 15.04 38.28
N LEU C 169 1.50 14.61 38.68
CA LEU C 169 2.13 13.42 38.14
C LEU C 169 1.54 12.19 38.84
N THR C 170 0.25 11.95 38.60
CA THR C 170 -0.46 10.91 39.31
C THR C 170 -0.45 9.65 38.48
N SER C 171 -1.09 9.64 37.31
CA SER C 171 -1.10 8.50 36.41
C SER C 171 -1.67 8.95 35.08
N THR C 172 -1.18 8.36 33.99
CA THR C 172 -1.54 8.73 32.62
C THR C 172 -1.10 10.15 32.32
N ASN C 173 -0.45 10.80 33.30
CA ASN C 173 0.29 12.03 33.08
C ASN C 173 1.78 11.80 33.11
N ARG C 174 2.25 10.86 33.93
CA ARG C 174 3.63 10.42 33.85
C ARG C 174 3.85 9.49 32.68
N THR C 175 2.79 8.77 32.26
CA THR C 175 2.87 8.02 31.02
C THR C 175 3.03 8.95 29.83
N ARG C 176 2.31 10.08 29.83
CA ARG C 176 2.46 11.06 28.78
C ARG C 176 3.83 11.72 28.81
N ILE C 177 4.41 11.87 30.00
CA ILE C 177 5.78 12.38 30.09
C ILE C 177 6.74 11.40 29.43
N MET C 178 6.54 10.10 29.65
CA MET C 178 7.45 9.10 29.09
C MET C 178 7.23 8.86 27.61
N CYS C 179 6.07 9.26 27.07
CA CYS C 179 5.87 9.21 25.63
C CYS C 179 6.38 10.47 24.95
N LEU C 180 6.22 11.63 25.58
CA LEU C 180 6.78 12.85 25.03
C LEU C 180 8.29 12.92 25.17
N SER C 181 8.88 12.19 26.13
CA SER C 181 10.33 12.07 26.16
C SER C 181 10.84 11.30 24.95
N LEU C 182 10.19 10.19 24.63
CA LEU C 182 10.53 9.45 23.43
C LEU C 182 10.35 10.32 22.20
N PHE C 183 9.23 11.06 22.13
CA PHE C 183 8.98 11.91 20.97
C PHE C 183 10.08 12.96 20.83
N TRP C 184 10.42 13.65 21.91
CA TRP C 184 11.37 14.75 21.84
C TRP C 184 12.77 14.25 21.50
N HIS C 185 13.17 13.13 22.10
CA HIS C 185 14.52 12.64 21.83
C HIS C 185 14.62 12.03 20.44
N PHE C 186 13.56 11.37 19.98
CA PHE C 186 13.50 10.93 18.59
C PHE C 186 13.57 12.12 17.64
N LEU C 187 12.92 13.23 18.01
CA LEU C 187 12.99 14.43 17.18
C LEU C 187 14.42 14.97 17.11
N ASP C 188 15.12 14.97 18.25
CA ASP C 188 16.50 15.44 18.22
C ASP C 188 17.42 14.47 17.47
N VAL C 189 17.11 13.18 17.45
CA VAL C 189 17.89 12.26 16.62
C VAL C 189 17.61 12.49 15.13
N VAL C 190 16.35 12.74 14.78
CA VAL C 190 16.02 13.09 13.41
C VAL C 190 16.73 14.37 13.01
N TRP C 191 16.82 15.33 13.93
CA TRP C 191 17.55 16.56 13.61
C TRP C 191 19.06 16.32 13.53
N ILE C 192 19.58 15.35 14.27
CA ILE C 192 20.98 14.96 14.07
C ILE C 192 21.19 14.51 12.64
N CYS C 193 20.31 13.61 12.17
CA CYS C 193 20.39 13.17 10.79
C CYS C 193 20.18 14.32 9.82
N VAL C 194 19.29 15.25 10.17
CA VAL C 194 18.96 16.37 9.28
C VAL C 194 20.15 17.30 9.11
N PHE C 195 20.76 17.74 10.22
CA PHE C 195 21.89 18.64 10.11
C PHE C 195 23.09 17.93 9.50
N THR C 196 23.17 16.61 9.70
CA THR C 196 24.23 15.86 9.04
C THR C 196 24.04 15.82 7.53
N VAL C 197 22.80 15.66 7.07
CA VAL C 197 22.56 15.35 5.66
C VAL C 197 22.17 16.59 4.86
N VAL C 198 21.03 17.21 5.17
CA VAL C 198 20.56 18.32 4.34
C VAL C 198 21.52 19.49 4.51
N TYR C 199 21.70 19.95 5.75
CA TYR C 199 22.76 20.91 6.03
C TYR C 199 24.10 20.18 6.05
N LEU C 200 25.17 20.97 6.10
CA LEU C 200 26.51 20.44 6.30
C LEU C 200 26.99 19.79 5.01
N MET C 201 26.45 18.61 4.67
CA MET C 201 26.86 17.93 3.45
C MET C 201 26.53 18.75 2.22
N GLY C 202 25.44 19.51 2.25
CA GLY C 202 25.16 20.42 1.15
C GLY C 202 26.26 21.45 0.98
N ALA C 203 26.77 21.99 2.09
CA ALA C 203 27.87 22.93 2.06
C ALA C 203 29.20 22.24 2.36
N MET C 204 29.57 21.33 1.45
CA MET C 204 30.83 20.58 1.51
C MET C 204 30.93 19.64 2.71
N SER D 14 19.45 9.32 37.05
CA SER D 14 19.95 9.32 35.69
C SER D 14 20.59 10.66 35.34
N VAL D 15 21.05 11.39 36.36
CA VAL D 15 21.72 12.66 36.12
C VAL D 15 23.02 12.45 35.35
N LYS D 16 23.80 11.44 35.75
CA LYS D 16 25.09 11.21 35.13
C LYS D 16 24.96 10.85 33.65
N THR D 17 24.03 9.95 33.31
CA THR D 17 23.94 9.48 31.94
C THR D 17 23.46 10.58 31.00
N TYR D 18 22.56 11.45 31.47
CA TYR D 18 22.16 12.58 30.64
C TYR D 18 23.30 13.58 30.48
N MET D 19 24.06 13.83 31.55
CA MET D 19 25.21 14.70 31.44
C MET D 19 26.34 14.03 30.66
N THR D 20 26.46 12.69 30.78
CA THR D 20 27.39 11.97 29.90
C THR D 20 26.98 12.11 28.44
N GLY D 21 25.68 12.02 28.17
CA GLY D 21 25.15 12.28 26.85
C GLY D 21 24.97 13.73 26.52
N PHE D 22 25.44 14.63 27.39
CA PHE D 22 25.45 16.07 27.13
C PHE D 22 26.80 16.55 26.64
N ILE D 23 27.89 16.18 27.32
CA ILE D 23 29.22 16.53 26.83
C ILE D 23 29.56 15.75 25.57
N LEU D 24 29.17 14.48 25.50
CA LEU D 24 29.41 13.70 24.29
C LEU D 24 28.62 14.26 23.12
N SER D 25 27.35 14.62 23.36
CA SER D 25 26.55 15.20 22.30
C SER D 25 27.13 16.52 21.81
N ILE D 26 27.59 17.37 22.74
CA ILE D 26 28.18 18.65 22.34
C ILE D 26 29.47 18.42 21.57
N ILE D 27 30.32 17.51 22.05
CA ILE D 27 31.61 17.32 21.41
C ILE D 27 31.49 16.55 20.09
N LEU D 28 30.38 15.87 19.86
CA LEU D 28 30.15 15.22 18.57
C LEU D 28 29.19 16.00 17.67
N THR D 29 28.68 17.13 18.14
CA THR D 29 27.94 18.04 17.28
C THR D 29 28.70 19.33 17.03
N VAL D 30 29.86 19.52 17.65
CA VAL D 30 30.70 20.68 17.39
C VAL D 30 31.81 20.37 16.40
N ILE D 31 32.51 19.24 16.57
CA ILE D 31 33.60 18.90 15.65
C ILE D 31 33.12 18.70 14.22
N PRO D 32 31.92 18.18 13.92
CA PRO D 32 31.50 18.16 12.50
C PRO D 32 31.32 19.55 11.92
N PHE D 33 30.66 20.44 12.66
CA PHE D 33 30.50 21.82 12.20
C PHE D 33 31.84 22.52 12.03
N TRP D 34 32.77 22.30 12.96
CA TRP D 34 34.08 22.91 12.84
C TRP D 34 34.83 22.37 11.64
N MET D 35 34.80 21.05 11.44
CA MET D 35 35.48 20.45 10.29
C MET D 35 34.90 20.94 8.98
N VAL D 36 33.60 21.18 8.93
CA VAL D 36 32.98 21.59 7.67
C VAL D 36 33.19 23.08 7.41
N MET D 37 33.04 23.92 8.44
CA MET D 37 33.12 25.36 8.24
C MET D 37 34.56 25.81 7.99
N THR D 38 35.51 25.25 8.73
CA THR D 38 36.91 25.65 8.60
C THR D 38 37.69 24.77 7.63
N GLY D 39 37.05 23.77 7.03
CA GLY D 39 37.75 22.86 6.14
C GLY D 39 38.81 22.04 6.85
N ALA D 40 40.08 22.35 6.59
CA ALA D 40 41.24 21.70 7.21
C ALA D 40 41.31 20.22 6.91
N ALA D 41 40.52 19.72 5.97
CA ALA D 41 40.56 18.30 5.60
C ALA D 41 39.99 18.15 4.20
N SER D 42 40.55 17.22 3.46
CA SER D 42 40.10 16.99 2.09
C SER D 42 38.68 16.43 2.09
N PRO D 43 37.86 16.82 1.12
CA PRO D 43 36.48 16.29 1.05
C PRO D 43 36.49 14.82 0.67
N ALA D 44 36.11 13.98 1.64
CA ALA D 44 36.23 12.52 1.68
C ALA D 44 36.55 12.12 3.10
N VAL D 45 37.39 12.92 3.76
CA VAL D 45 37.62 12.78 5.19
C VAL D 45 36.60 13.58 5.98
N ILE D 46 36.25 14.77 5.51
CA ILE D 46 35.21 15.55 6.18
C ILE D 46 33.89 14.82 6.14
N LEU D 47 33.53 14.27 4.99
CA LEU D 47 32.25 13.57 4.86
C LEU D 47 32.24 12.30 5.71
N GLY D 48 33.32 11.51 5.63
CA GLY D 48 33.38 10.29 6.41
C GLY D 48 33.33 10.57 7.90
N THR D 49 33.99 11.64 8.34
CA THR D 49 34.03 11.96 9.76
C THR D 49 32.73 12.55 10.27
N ILE D 50 32.04 13.36 9.46
CA ILE D 50 30.75 13.85 9.91
C ILE D 50 29.73 12.72 9.94
N LEU D 51 29.80 11.80 8.97
CA LEU D 51 28.88 10.66 8.98
C LEU D 51 29.15 9.76 10.18
N ALA D 52 30.43 9.50 10.49
CA ALA D 52 30.74 8.67 11.64
C ALA D 52 30.32 9.33 12.95
N MET D 53 30.59 10.65 13.08
CA MET D 53 30.18 11.36 14.27
C MET D 53 28.68 11.45 14.40
N ALA D 54 27.93 11.44 13.30
CA ALA D 54 26.49 11.44 13.37
C ALA D 54 25.92 10.09 13.72
N VAL D 55 26.50 9.00 13.23
CA VAL D 55 26.06 7.69 13.67
C VAL D 55 26.38 7.49 15.15
N VAL D 56 27.53 7.96 15.61
CA VAL D 56 27.87 7.79 17.02
C VAL D 56 27.00 8.68 17.90
N GLN D 57 26.71 9.92 17.47
CA GLN D 57 25.83 10.76 18.25
C GLN D 57 24.41 10.23 18.27
N VAL D 58 23.96 9.60 17.17
CA VAL D 58 22.65 8.96 17.17
C VAL D 58 22.62 7.81 18.17
N LEU D 59 23.68 6.99 18.19
CA LEU D 59 23.73 5.91 19.16
C LEU D 59 23.81 6.42 20.59
N VAL D 60 24.49 7.55 20.80
CA VAL D 60 24.59 8.13 22.14
C VAL D 60 23.22 8.63 22.59
N HIS D 61 22.46 9.23 21.68
CA HIS D 61 21.12 9.69 22.03
C HIS D 61 20.17 8.52 22.22
N LEU D 62 20.39 7.40 21.53
CA LEU D 62 19.56 6.23 21.73
C LEU D 62 19.83 5.59 23.09
N VAL D 63 21.11 5.39 23.43
CA VAL D 63 21.42 4.67 24.65
C VAL D 63 21.26 5.55 25.88
N CYS D 64 21.61 6.84 25.77
CA CYS D 64 21.59 7.71 26.95
C CYS D 64 20.23 8.35 27.15
N PHE D 65 19.67 8.95 26.11
CA PHE D 65 18.43 9.70 26.25
C PHE D 65 17.20 8.80 26.17
N LEU D 66 17.12 7.95 25.15
CA LEU D 66 15.98 7.05 25.00
C LEU D 66 16.03 5.86 25.95
N HIS D 67 17.13 5.69 26.68
CA HIS D 67 17.28 4.59 27.63
C HIS D 67 17.07 3.23 26.95
N MET D 68 17.61 3.10 25.74
CA MET D 68 17.53 1.83 25.02
C MET D 68 18.32 0.76 25.75
N ASN D 69 17.75 -0.45 25.81
CA ASN D 69 18.42 -1.58 26.43
C ASN D 69 17.93 -2.86 25.79
N THR D 70 18.71 -3.92 25.97
CA THR D 70 18.38 -5.20 25.35
C THR D 70 17.09 -5.78 25.88
N LYS D 71 16.86 -5.69 27.19
CA LYS D 71 15.70 -6.35 27.77
C LYS D 71 14.41 -5.58 27.54
N SER D 72 14.41 -4.28 27.85
CA SER D 72 13.22 -3.43 27.78
C SER D 72 11.99 -4.15 28.32
N ASP D 73 10.90 -4.13 27.57
CA ASP D 73 9.70 -4.90 27.92
C ASP D 73 9.78 -6.26 27.20
N GLU D 74 10.72 -7.07 27.66
CA GLU D 74 11.03 -8.37 27.06
C GLU D 74 11.38 -8.19 25.58
N GLY D 75 12.46 -7.46 25.35
CA GLY D 75 12.83 -7.12 24.00
C GLY D 75 11.80 -6.21 23.35
N TRP D 76 11.67 -6.33 22.03
CA TRP D 76 10.67 -5.66 21.22
C TRP D 76 10.84 -4.14 21.18
N ASN D 77 11.83 -3.58 21.84
CA ASN D 77 12.20 -2.18 21.67
C ASN D 77 13.48 -2.03 20.87
N MET D 78 14.57 -2.67 21.31
CA MET D 78 15.74 -2.78 20.44
C MET D 78 15.42 -3.60 19.21
N THR D 79 14.67 -4.69 19.38
CA THR D 79 14.25 -5.50 18.24
C THR D 79 13.42 -4.69 17.26
N ALA D 80 12.45 -3.93 17.76
CA ALA D 80 11.67 -3.06 16.90
C ALA D 80 12.55 -1.99 16.27
N PHE D 81 13.47 -1.43 17.05
CA PHE D 81 14.37 -0.42 16.48
C PHE D 81 15.32 -1.03 15.46
N VAL D 82 15.81 -2.24 15.72
CA VAL D 82 16.68 -2.90 14.75
C VAL D 82 15.93 -3.16 13.45
N PHE D 83 14.69 -3.66 13.55
CA PHE D 83 13.89 -3.89 12.36
C PHE D 83 13.62 -2.59 11.62
N THR D 84 13.31 -1.51 12.36
CA THR D 84 13.05 -0.22 11.72
C THR D 84 14.30 0.31 11.04
N VAL D 85 15.47 0.13 11.65
CA VAL D 85 16.71 0.56 11.01
C VAL D 85 16.96 -0.26 9.75
N LEU D 86 16.71 -1.56 9.80
CA LEU D 86 16.86 -2.39 8.61
C LEU D 86 15.93 -1.93 7.49
N ILE D 87 14.69 -1.60 7.83
CA ILE D 87 13.73 -1.17 6.81
C ILE D 87 14.09 0.22 6.29
N ILE D 88 14.59 1.10 7.16
CA ILE D 88 15.03 2.42 6.72
C ILE D 88 16.21 2.29 5.77
N ALA D 89 17.16 1.41 6.11
CA ALA D 89 18.31 1.22 5.24
C ALA D 89 17.90 0.62 3.91
N ILE D 90 17.00 -0.37 3.93
CA ILE D 90 16.51 -0.96 2.68
C ILE D 90 15.84 0.10 1.83
N LEU D 91 14.94 0.88 2.42
CA LEU D 91 14.19 1.87 1.66
C LEU D 91 15.10 2.97 1.12
N VAL D 92 16.02 3.48 1.93
CA VAL D 92 16.86 4.57 1.48
C VAL D 92 17.84 4.08 0.42
N VAL D 93 18.52 2.96 0.66
CA VAL D 93 19.48 2.46 -0.31
C VAL D 93 18.78 1.92 -1.55
N GLY D 94 17.49 1.62 -1.48
CA GLY D 94 16.77 1.23 -2.66
C GLY D 94 16.14 2.41 -3.38
N SER D 95 16.02 3.52 -2.69
CA SER D 95 15.55 4.74 -3.33
C SER D 95 16.71 5.62 -3.80
N ILE D 96 17.94 5.23 -3.50
CA ILE D 96 19.11 5.87 -4.07
C ILE D 96 19.74 5.01 -5.16
N TRP D 97 19.88 3.71 -4.91
CA TRP D 97 20.45 2.82 -5.91
C TRP D 97 19.56 2.71 -7.13
N ILE D 98 18.25 2.58 -6.92
CA ILE D 98 17.33 2.53 -8.05
C ILE D 98 17.34 3.86 -8.80
N MET D 99 17.31 4.97 -8.07
CA MET D 99 17.23 6.27 -8.72
C MET D 99 18.55 6.70 -9.31
N TRP D 100 19.68 6.27 -8.76
CA TRP D 100 20.95 6.49 -9.44
C TRP D 100 21.00 5.73 -10.75
N ASN D 101 20.57 4.45 -10.73
CA ASN D 101 20.52 3.67 -11.96
C ASN D 101 19.45 4.22 -12.91
N LEU D 102 18.35 4.72 -12.36
CA LEU D 102 17.33 5.33 -13.20
C LEU D 102 17.85 6.61 -13.84
N ASN D 103 18.28 7.56 -13.02
CA ASN D 103 18.71 8.87 -13.54
C ASN D 103 19.88 8.73 -14.51
N TYR D 104 20.73 7.72 -14.30
CA TYR D 104 21.81 7.47 -15.26
C TYR D 104 21.26 7.05 -16.61
N ASN D 105 20.22 6.22 -16.62
CA ASN D 105 19.63 5.71 -17.85
C ASN D 105 18.55 6.63 -18.41
N MET D 106 18.53 7.90 -17.99
CA MET D 106 17.57 8.88 -18.50
C MET D 106 18.27 10.08 -19.13
N MET D 107 19.55 9.95 -19.45
CA MET D 107 20.36 11.06 -19.92
C MET D 107 20.61 10.95 -21.41
N MET D 108 21.11 12.06 -21.97
CA MET D 108 21.59 12.04 -23.35
C MET D 108 22.77 11.10 -23.49
N HIS D 109 23.67 11.10 -22.50
CA HIS D 109 24.84 10.22 -22.45
C HIS D 109 25.63 10.19 -23.76
#